data_9BCA
#
_entry.id   9BCA
#
_cell.length_a   44.528
_cell.length_b   87.933
_cell.length_c   89.241
_cell.angle_alpha   90.00
_cell.angle_beta   104.44
_cell.angle_gamma   90.00
#
_symmetry.space_group_name_H-M   'P 1 21 1'
#
loop_
_entity.id
_entity.type
_entity.pdbx_description
1 polymer 'Kelch domain-containing protein 2'
2 non-polymer N-{[2-(naphthalen-2-yl)-1,3-thiazol-4-yl]acetyl}glycine
3 non-polymer 'COBALT HEXAMMINE(III)'
4 water water
#
_entity_poly.entity_id   1
_entity_poly.type   'polypeptide(L)'
_entity_poly.pdbx_seq_one_letter_code
;GSGPAFESYESMELACPAERSGHVAVSDGRHMFVWGGYKSNQVRGLYDFYLPREELWIYNMETGRWKKINTEGDVPPSMS
GSCAVCVDRVLYLFGGHHSRGNTNKFYMLDSRSTDRVLQWERIDCQGIPPSSKDKLGVWVYKNKLIFFGGYGYLPEDKVL
GTFEFDETSFWNSSHPRGWNDHVHILDTETFTWSQPITTGKAPSPRAAHACATVGNRGFVFGGRYRDARMNDLHYLNLDT
WEWNELIPQGICPVGRSWHSLTPVSSDHLFLFGGFTTDKQPLSDAWTYCISKNEWIQFNHPYTEKPRLWHTACASDEGEV
IVFGGCANNLLVHHRAAHSNEILIFSVQP
;
_entity_poly.pdbx_strand_id   A,B
#
loop_
_chem_comp.id
_chem_comp.type
_chem_comp.name
_chem_comp.formula
A1APS non-polymer N-{[2-(naphthalen-2-yl)-1,3-thiazol-4-yl]acetyl}glycine 'C17 H14 N2 O3 S'
NCO non-polymer 'COBALT HEXAMMINE(III)' 'Co H18 N6 3'
#
# COMPACT_ATOMS: atom_id res chain seq x y z
N LEU A 14 -3.15 5.45 -30.16
CA LEU A 14 -2.19 5.96 -29.18
C LEU A 14 -2.71 5.72 -27.76
N ALA A 15 -1.78 5.59 -26.81
CA ALA A 15 -2.14 5.26 -25.43
C ALA A 15 -3.00 6.37 -24.82
N CYS A 16 -3.93 5.95 -23.96
CA CYS A 16 -4.97 6.83 -23.43
C CYS A 16 -5.29 6.47 -21.99
N PRO A 17 -5.11 7.38 -21.04
CA PRO A 17 -5.40 7.07 -19.64
C PRO A 17 -6.88 6.84 -19.39
N ALA A 18 -7.18 5.99 -18.41
CA ALA A 18 -8.56 5.65 -18.07
C ALA A 18 -9.27 6.84 -17.42
N GLU A 19 -10.59 6.84 -17.55
CA GLU A 19 -11.43 7.85 -16.93
C GLU A 19 -11.24 7.81 -15.42
N ARG A 20 -11.52 8.96 -14.78
CA ARG A 20 -11.29 9.06 -13.34
C ARG A 20 -11.82 10.39 -12.83
N SER A 21 -12.07 10.43 -11.52
CA SER A 21 -12.30 11.66 -10.77
C SER A 21 -11.45 11.62 -9.52
N GLY A 22 -11.30 12.76 -8.86
CA GLY A 22 -10.54 12.75 -7.62
C GLY A 22 -9.05 12.55 -7.81
N HIS A 23 -8.57 12.54 -9.05
CA HIS A 23 -7.15 12.47 -9.33
C HIS A 23 -6.49 13.80 -9.01
N VAL A 24 -5.17 13.83 -9.19
CA VAL A 24 -4.40 15.06 -9.11
C VAL A 24 -3.83 15.34 -10.48
N ALA A 25 -3.60 16.63 -10.74
CA ALA A 25 -2.99 17.07 -11.99
C ALA A 25 -2.16 18.31 -11.72
N VAL A 26 -0.88 18.23 -12.05
CA VAL A 26 0.05 19.32 -11.84
C VAL A 26 0.80 19.56 -13.14
N SER A 27 1.30 20.78 -13.32
CA SER A 27 1.83 21.20 -14.61
C SER A 27 3.03 22.13 -14.39
N ASP A 28 3.96 22.07 -15.34
CA ASP A 28 5.05 23.04 -15.45
C ASP A 28 4.80 24.07 -16.55
N GLY A 29 3.56 24.18 -17.01
CA GLY A 29 3.22 25.06 -18.10
C GLY A 29 3.25 24.42 -19.47
N ARG A 30 3.92 23.30 -19.62
CA ARG A 30 4.01 22.60 -20.90
C ARG A 30 3.65 21.13 -20.79
N HIS A 31 4.02 20.48 -19.70
CA HIS A 31 3.62 19.10 -19.46
C HIS A 31 2.73 19.03 -18.23
N MET A 32 1.72 18.17 -18.31
CA MET A 32 0.74 17.98 -17.25
C MET A 32 0.88 16.57 -16.71
N PHE A 33 1.06 16.46 -15.39
CA PHE A 33 1.26 15.18 -14.73
C PHE A 33 -0.03 14.80 -14.02
N VAL A 34 -0.51 13.59 -14.28
CA VAL A 34 -1.80 13.11 -13.79
C VAL A 34 -1.56 11.84 -12.98
N TRP A 35 -2.09 11.81 -11.76
CA TRP A 35 -1.91 10.66 -10.89
C TRP A 35 -3.17 10.36 -10.08
N GLY A 36 -3.47 9.08 -9.89
CA GLY A 36 -4.46 8.66 -8.92
C GLY A 36 -5.91 8.84 -9.36
N GLY A 37 -6.77 8.97 -8.35
CA GLY A 37 -8.20 9.06 -8.56
C GLY A 37 -8.86 7.68 -8.55
N TYR A 38 -10.16 7.69 -8.79
CA TYR A 38 -10.97 6.47 -8.77
C TYR A 38 -11.95 6.55 -9.93
N LYS A 39 -12.60 5.42 -10.24
CA LYS A 39 -13.66 5.41 -11.23
C LYS A 39 -14.73 4.40 -10.80
N SER A 40 -15.71 4.18 -11.67
CA SER A 40 -16.68 3.12 -11.46
C SER A 40 -16.43 1.99 -12.46
N ASN A 41 -17.34 1.01 -12.48
CA ASN A 41 -17.24 -0.12 -13.39
C ASN A 41 -15.90 -0.84 -13.30
N PHE A 49 -13.32 1.22 -8.14
CA PHE A 49 -12.02 1.09 -7.49
C PHE A 49 -11.02 2.16 -7.97
N TYR A 50 -9.81 2.09 -7.43
CA TYR A 50 -8.81 3.12 -7.64
C TYR A 50 -7.99 2.86 -8.89
N LEU A 51 -7.62 3.95 -9.58
CA LEU A 51 -6.72 3.82 -10.70
C LEU A 51 -5.34 3.42 -10.18
N PRO A 52 -4.53 2.74 -11.00
CA PRO A 52 -3.31 2.11 -10.47
C PRO A 52 -2.31 3.13 -9.93
N ARG A 53 -1.75 2.81 -8.76
CA ARG A 53 -0.90 3.74 -8.02
C ARG A 53 0.42 4.02 -8.71
N GLU A 54 1.00 3.02 -9.38
CA GLU A 54 2.34 3.19 -9.93
C GLU A 54 2.36 4.03 -11.21
N GLU A 55 1.23 4.21 -11.86
CA GLU A 55 1.24 4.91 -13.14
C GLU A 55 1.30 6.41 -12.92
N LEU A 56 2.08 7.09 -13.75
CA LEU A 56 2.05 8.55 -13.89
C LEU A 56 1.78 8.84 -15.35
N TRP A 57 0.72 9.60 -15.63
CA TRP A 57 0.39 9.95 -17.00
C TRP A 57 0.86 11.36 -17.30
N ILE A 58 1.52 11.54 -18.43
CA ILE A 58 2.08 12.81 -18.84
C ILE A 58 1.39 13.24 -20.12
N TYR A 59 0.69 14.38 -20.06
CA TYR A 59 0.03 14.98 -21.22
C TYR A 59 0.88 16.15 -21.71
N ASN A 60 1.31 16.08 -22.96
CA ASN A 60 2.03 17.19 -23.57
C ASN A 60 1.01 18.22 -24.02
N MET A 61 0.97 19.36 -23.33
CA MET A 61 0.03 20.42 -23.67
C MET A 61 0.23 20.94 -25.08
N GLU A 62 1.42 20.79 -25.65
CA GLU A 62 1.69 21.30 -26.99
C GLU A 62 1.43 20.26 -28.08
N THR A 63 1.54 18.98 -27.78
CA THR A 63 1.30 17.93 -28.78
C THR A 63 0.08 17.08 -28.48
N GLY A 64 -0.62 17.34 -27.38
CA GLY A 64 -1.85 16.62 -27.08
C GLY A 64 -1.71 15.12 -26.99
N ARG A 65 -0.50 14.61 -26.80
CA ARG A 65 -0.24 13.19 -26.70
C ARG A 65 0.00 12.80 -25.25
N TRP A 66 -0.58 11.67 -24.85
CA TRP A 66 -0.35 11.09 -23.54
C TRP A 66 0.86 10.17 -23.58
N LYS A 67 1.47 9.99 -22.41
CA LYS A 67 2.60 9.07 -22.24
C LYS A 67 2.59 8.59 -20.80
N LYS A 68 2.53 7.28 -20.62
CA LYS A 68 2.47 6.65 -19.31
C LYS A 68 3.83 6.11 -18.91
N ILE A 69 4.16 6.27 -17.64
CA ILE A 69 5.37 5.68 -17.07
C ILE A 69 5.04 5.01 -15.76
N ASN A 70 5.77 3.93 -15.46
CA ASN A 70 5.68 3.27 -14.16
C ASN A 70 6.69 3.92 -13.22
N THR A 71 6.21 4.35 -12.05
CA THR A 71 7.05 4.88 -11.00
C THR A 71 7.35 3.79 -9.98
N GLU A 72 8.48 3.95 -9.29
CA GLU A 72 8.94 3.04 -8.26
C GLU A 72 9.21 3.84 -6.99
N GLY A 73 9.85 3.20 -6.02
CA GLY A 73 10.18 3.87 -4.77
C GLY A 73 9.08 3.74 -3.75
N ASP A 74 8.85 4.80 -2.95
CA ASP A 74 7.75 4.84 -1.97
C ASP A 74 6.47 5.27 -2.67
N VAL A 75 5.99 4.40 -3.56
CA VAL A 75 4.80 4.74 -4.33
C VAL A 75 3.64 4.98 -3.38
N PRO A 76 2.95 6.12 -3.46
CA PRO A 76 1.85 6.35 -2.53
C PRO A 76 0.71 5.37 -2.81
N PRO A 77 -0.11 5.07 -1.81
CA PRO A 77 -1.31 4.25 -2.04
C PRO A 77 -2.23 4.89 -3.07
N SER A 78 -3.05 4.03 -3.68
CA SER A 78 -4.07 4.53 -4.60
C SER A 78 -5.04 5.42 -3.83
N MET A 79 -5.31 6.63 -4.36
CA MET A 79 -6.05 7.59 -3.56
C MET A 79 -6.92 8.49 -4.41
N SER A 80 -8.04 8.90 -3.82
CA SER A 80 -8.80 10.03 -4.32
C SER A 80 -8.62 11.21 -3.36
N GLY A 81 -8.78 12.42 -3.89
CA GLY A 81 -8.78 13.61 -3.05
C GLY A 81 -7.43 14.10 -2.59
N SER A 82 -6.35 13.56 -3.13
CA SER A 82 -5.03 14.03 -2.74
C SER A 82 -4.79 15.44 -3.27
N CYS A 83 -3.77 16.09 -2.71
CA CYS A 83 -3.44 17.49 -2.99
C CYS A 83 -2.00 17.56 -3.47
N ALA A 84 -1.79 18.07 -4.68
CA ALA A 84 -0.46 18.01 -5.31
C ALA A 84 -0.04 19.36 -5.88
N VAL A 85 1.28 19.55 -5.97
CA VAL A 85 1.90 20.72 -6.56
C VAL A 85 3.05 20.28 -7.45
N CYS A 86 3.43 21.15 -8.37
CA CYS A 86 4.67 20.99 -9.12
C CYS A 86 5.48 22.27 -8.97
N VAL A 87 6.68 22.15 -8.39
CA VAL A 87 7.58 23.28 -8.19
C VAL A 87 8.92 22.91 -8.79
N ASP A 88 9.33 23.62 -9.85
CA ASP A 88 10.58 23.31 -10.55
C ASP A 88 10.69 21.82 -10.87
N ARG A 89 9.65 21.28 -11.49
CA ARG A 89 9.56 19.89 -11.92
C ARG A 89 9.74 18.88 -10.79
N VAL A 90 9.59 19.31 -9.54
CA VAL A 90 9.48 18.41 -8.41
C VAL A 90 8.03 18.37 -7.98
N LEU A 91 7.46 17.17 -7.91
CA LEU A 91 6.05 16.99 -7.56
C LEU A 91 5.95 16.65 -6.09
N TYR A 92 5.04 17.32 -5.38
CA TYR A 92 4.81 17.02 -3.98
C TYR A 92 3.35 16.65 -3.81
N LEU A 93 3.09 15.62 -3.00
CA LEU A 93 1.76 15.05 -2.80
C LEU A 93 1.44 14.99 -1.32
N PHE A 94 0.28 15.54 -0.93
CA PHE A 94 -0.17 15.45 0.46
C PHE A 94 -1.58 14.89 0.57
N GLY A 95 -1.78 14.01 1.57
CA GLY A 95 -3.15 13.60 1.93
C GLY A 95 -3.84 12.78 0.84
N GLY A 96 -5.15 12.65 1.00
CA GLY A 96 -5.98 11.82 0.16
C GLY A 96 -6.72 10.75 0.95
N HIS A 97 -7.45 9.92 0.21
CA HIS A 97 -8.24 8.81 0.77
C HIS A 97 -7.84 7.54 0.03
N HIS A 98 -7.33 6.54 0.76
CA HIS A 98 -7.03 5.24 0.18
C HIS A 98 -8.01 4.19 0.74
N SER A 99 -7.74 2.92 0.45
CA SER A 99 -8.68 1.86 0.82
C SER A 99 -8.95 1.81 2.32
N ARG A 100 -7.96 2.11 3.15
CA ARG A 100 -8.08 2.07 4.60
C ARG A 100 -8.27 3.45 5.23
N GLY A 101 -8.56 4.48 4.44
CA GLY A 101 -8.94 5.75 5.02
C GLY A 101 -8.12 6.91 4.50
N ASN A 102 -8.18 8.02 5.23
CA ASN A 102 -7.40 9.21 4.88
C ASN A 102 -5.97 9.11 5.37
N THR A 103 -5.12 10.00 4.86
CA THR A 103 -3.73 10.03 5.26
C THR A 103 -3.27 11.49 5.39
N ASN A 104 -2.18 11.68 6.14
CA ASN A 104 -1.44 12.92 6.17
C ASN A 104 0.02 12.73 5.80
N LYS A 105 0.35 11.67 5.04
CA LYS A 105 1.70 11.48 4.56
C LYS A 105 2.02 12.42 3.42
N PHE A 106 3.32 12.70 3.26
CA PHE A 106 3.82 13.65 2.29
C PHE A 106 4.83 12.95 1.39
N TYR A 107 4.63 13.03 0.08
CA TYR A 107 5.55 12.41 -0.87
C TYR A 107 6.12 13.44 -1.83
N MET A 108 7.27 13.09 -2.39
CA MET A 108 7.94 13.88 -3.41
C MET A 108 8.27 12.97 -4.58
N LEU A 109 8.11 13.48 -5.81
CA LEU A 109 8.59 12.79 -6.99
C LEU A 109 9.34 13.77 -7.85
N ASP A 110 10.65 13.56 -7.98
CA ASP A 110 11.48 14.43 -8.82
C ASP A 110 11.32 14.00 -10.27
N SER A 111 10.68 14.85 -11.08
CA SER A 111 10.47 14.54 -12.49
C SER A 111 11.54 15.16 -13.39
N ARG A 112 12.72 15.44 -12.84
CA ARG A 112 13.78 16.07 -13.62
C ARG A 112 14.67 15.06 -14.33
N SER A 113 15.33 14.19 -13.57
CA SER A 113 16.28 13.25 -14.16
C SER A 113 15.61 11.91 -14.49
N VAL A 117 14.27 5.63 -14.08
CA VAL A 117 12.87 5.43 -13.72
C VAL A 117 12.54 6.31 -12.52
N LEU A 118 11.36 6.92 -12.56
CA LEU A 118 10.97 7.89 -11.53
C LEU A 118 10.68 7.17 -10.23
N GLN A 119 11.21 7.72 -9.13
CA GLN A 119 11.05 7.14 -7.81
C GLN A 119 10.39 8.13 -6.87
N TRP A 120 9.34 7.66 -6.19
CA TRP A 120 8.71 8.43 -5.13
C TRP A 120 9.53 8.36 -3.85
N GLU A 121 9.54 9.47 -3.12
CA GLU A 121 10.17 9.53 -1.81
C GLU A 121 9.12 9.94 -0.79
N ARG A 122 8.93 9.11 0.23
CA ARG A 122 8.08 9.47 1.35
C ARG A 122 8.91 10.24 2.38
N ILE A 123 8.45 11.42 2.75
CA ILE A 123 9.26 12.35 3.54
C ILE A 123 8.89 12.21 5.01
N ASP A 124 9.89 11.93 5.84
CA ASP A 124 9.75 11.96 7.30
C ASP A 124 9.75 13.42 7.73
N CYS A 125 8.59 14.07 7.61
CA CYS A 125 8.52 15.49 7.88
C CYS A 125 8.74 15.79 9.35
N GLN A 126 9.37 16.92 9.63
CA GLN A 126 9.47 17.41 10.99
C GLN A 126 8.24 18.23 11.34
N GLY A 127 7.97 18.32 12.64
CA GLY A 127 6.88 19.13 13.13
C GLY A 127 5.55 18.39 13.18
N ILE A 128 4.52 19.14 13.56
CA ILE A 128 3.18 18.60 13.73
C ILE A 128 2.50 18.59 12.36
N PRO A 129 2.23 17.43 11.78
CA PRO A 129 1.58 17.38 10.45
C PRO A 129 0.12 17.79 10.54
N PRO A 130 -0.53 18.07 9.42
CA PRO A 130 -1.98 18.25 9.46
C PRO A 130 -2.68 16.95 9.82
N SER A 131 -3.94 17.06 10.19
CA SER A 131 -4.77 15.89 10.38
C SER A 131 -4.95 15.15 9.04
N SER A 132 -5.21 13.85 9.11
CA SER A 132 -5.38 13.05 7.90
C SER A 132 -6.67 13.46 7.18
N LYS A 133 -6.56 13.82 5.91
CA LYS A 133 -7.68 14.48 5.25
C LYS A 133 -7.51 14.45 3.74
N ASP A 134 -8.58 14.83 3.04
CA ASP A 134 -8.57 14.88 1.59
C ASP A 134 -9.37 16.09 1.14
N LYS A 135 -9.45 16.29 -0.17
CA LYS A 135 -10.30 17.33 -0.77
C LYS A 135 -10.04 18.70 -0.15
N LEU A 136 -8.77 19.12 -0.26
CA LEU A 136 -8.31 20.40 0.29
C LEU A 136 -7.71 21.20 -0.85
N GLY A 137 -6.94 22.26 -0.55
CA GLY A 137 -6.21 22.96 -1.57
C GLY A 137 -4.87 23.42 -1.05
N VAL A 138 -4.08 23.99 -1.96
CA VAL A 138 -2.74 24.43 -1.59
C VAL A 138 -2.35 25.68 -2.39
N TRP A 139 -1.63 26.58 -1.72
CA TRP A 139 -0.94 27.67 -2.36
C TRP A 139 0.57 27.43 -2.31
N VAL A 140 1.29 27.86 -3.35
CA VAL A 140 2.74 27.81 -3.38
C VAL A 140 3.26 29.24 -3.31
N TYR A 141 4.12 29.51 -2.34
CA TYR A 141 4.72 30.83 -2.20
C TYR A 141 6.15 30.63 -1.72
N LYS A 142 7.10 30.86 -2.63
CA LYS A 142 8.54 30.73 -2.38
C LYS A 142 8.80 29.32 -1.86
N ASN A 143 9.44 29.14 -0.71
CA ASN A 143 9.79 27.82 -0.18
C ASN A 143 8.64 27.13 0.53
N LYS A 144 7.47 27.76 0.63
CA LYS A 144 6.38 27.25 1.43
C LYS A 144 5.32 26.61 0.55
N LEU A 145 4.85 25.43 0.96
CA LEU A 145 3.59 24.88 0.50
C LEU A 145 2.58 25.12 1.63
N ILE A 146 1.48 25.80 1.31
CA ILE A 146 0.50 26.22 2.29
C ILE A 146 -0.83 25.51 2.01
N PHE A 147 -1.24 24.63 2.92
CA PHE A 147 -2.42 23.79 2.75
C PHE A 147 -3.58 24.34 3.56
N PHE A 148 -4.78 24.33 2.96
CA PHE A 148 -5.95 24.86 3.63
C PHE A 148 -7.13 23.90 3.53
N GLY A 149 -7.80 23.65 4.67
CA GLY A 149 -9.10 22.99 4.77
C GLY A 149 -9.09 21.50 4.48
N GLY A 150 -10.26 20.97 4.12
CA GLY A 150 -10.40 19.59 3.68
C GLY A 150 -11.32 18.78 4.59
N TYR A 151 -11.36 17.47 4.33
CA TYR A 151 -12.28 16.52 4.97
C TYR A 151 -11.46 15.36 5.53
N GLY A 152 -11.68 15.02 6.79
CA GLY A 152 -10.98 13.88 7.37
C GLY A 152 -11.32 13.66 8.83
N TYR A 153 -10.43 12.94 9.53
CA TYR A 153 -10.69 12.55 10.92
C TYR A 153 -10.52 13.74 11.86
N LEU A 154 -11.01 13.56 13.09
CA LEU A 154 -10.74 14.54 14.12
C LEU A 154 -9.23 14.67 14.32
N PRO A 155 -8.71 15.90 14.45
CA PRO A 155 -7.27 16.08 14.63
C PRO A 155 -6.76 15.45 15.92
N GLU A 156 -5.50 15.01 15.89
CA GLU A 156 -4.85 14.43 17.06
C GLU A 156 -4.43 15.46 18.10
N ASP A 157 -4.54 16.75 17.78
CA ASP A 157 -4.17 17.83 18.68
C ASP A 157 -5.17 18.97 18.51
N LYS A 158 -5.23 19.82 19.54
CA LYS A 158 -5.96 21.09 19.42
C LYS A 158 -5.10 22.11 18.66
N VAL A 159 -4.84 21.77 17.39
CA VAL A 159 -4.03 22.59 16.50
C VAL A 159 -4.81 23.86 16.20
N LEU A 160 -4.15 24.85 15.60
CA LEU A 160 -4.82 26.10 15.32
C LEU A 160 -5.86 25.93 14.23
N GLY A 161 -7.07 26.43 14.48
CA GLY A 161 -8.20 26.32 13.59
C GLY A 161 -9.39 25.70 14.28
N THR A 162 -10.39 25.35 13.49
CA THR A 162 -11.58 24.65 13.98
C THR A 162 -11.89 23.47 13.07
N PHE A 163 -12.65 22.53 13.63
CA PHE A 163 -13.06 21.31 12.96
C PHE A 163 -14.53 21.07 13.27
N GLU A 164 -15.31 20.73 12.24
CA GLU A 164 -16.75 20.52 12.36
C GLU A 164 -17.09 19.13 11.83
N PHE A 165 -17.67 18.29 12.68
CA PHE A 165 -18.04 16.96 12.25
C PHE A 165 -19.16 17.01 11.21
N ASP A 166 -19.07 16.13 10.22
CA ASP A 166 -20.16 15.87 9.28
C ASP A 166 -21.05 14.78 9.87
N GLU A 167 -22.26 15.18 10.30
CA GLU A 167 -23.16 14.27 11.01
C GLU A 167 -23.53 13.04 10.18
N THR A 168 -23.49 13.14 8.85
CA THR A 168 -23.81 12.02 7.98
C THR A 168 -22.78 10.90 8.04
N SER A 169 -21.61 11.15 8.61
CA SER A 169 -20.58 10.13 8.73
C SER A 169 -20.66 9.37 10.06
N PHE A 170 -21.64 9.70 10.92
CA PHE A 170 -21.72 9.06 12.22
C PHE A 170 -22.18 7.61 12.12
N TRP A 171 -23.20 7.35 11.28
CA TRP A 171 -23.94 6.09 11.30
C TRP A 171 -23.66 5.21 10.09
N ASN A 172 -22.68 5.57 9.26
CA ASN A 172 -22.36 4.78 8.06
C ASN A 172 -21.00 4.12 8.10
N SER A 173 -20.04 4.70 8.81
CA SER A 173 -18.67 4.21 8.89
C SER A 173 -18.34 3.84 10.33
N SER A 174 -17.07 3.54 10.58
CA SER A 174 -16.59 3.30 11.92
C SER A 174 -15.79 4.48 12.49
N HIS A 175 -15.31 5.36 11.62
CA HIS A 175 -14.54 6.53 12.03
C HIS A 175 -15.24 7.77 11.49
N PRO A 176 -15.79 8.64 12.34
CA PRO A 176 -16.49 9.83 11.84
C PRO A 176 -15.49 10.83 11.24
N ARG A 177 -16.02 11.74 10.43
CA ARG A 177 -15.15 12.66 9.72
C ARG A 177 -15.82 14.02 9.63
N GLY A 178 -15.02 15.05 9.34
CA GLY A 178 -15.56 16.38 9.27
C GLY A 178 -14.65 17.33 8.52
N TRP A 179 -15.03 18.60 8.52
CA TRP A 179 -14.35 19.66 7.80
C TRP A 179 -13.48 20.48 8.75
N ASN A 180 -12.38 21.01 8.22
CA ASN A 180 -11.54 21.92 8.97
C ASN A 180 -11.27 23.19 8.16
N ASP A 181 -10.84 24.22 8.89
CA ASP A 181 -10.37 25.46 8.28
C ASP A 181 -8.87 25.66 8.51
N HIS A 182 -8.14 24.57 8.76
CA HIS A 182 -6.75 24.69 9.15
C HIS A 182 -5.89 25.24 8.01
N VAL A 183 -4.92 26.08 8.37
CA VAL A 183 -3.83 26.46 7.48
C VAL A 183 -2.55 25.80 7.98
N HIS A 184 -1.85 25.08 7.12
CA HIS A 184 -0.58 24.48 7.50
C HIS A 184 0.49 24.86 6.50
N ILE A 185 1.70 25.10 6.99
CA ILE A 185 2.85 25.37 6.16
C ILE A 185 3.75 24.16 6.17
N LEU A 186 4.09 23.64 4.99
CA LEU A 186 5.23 22.76 4.81
C LEU A 186 6.35 23.58 4.19
N ASP A 187 7.44 23.75 4.93
CA ASP A 187 8.60 24.51 4.51
C ASP A 187 9.55 23.55 3.81
N THR A 188 9.75 23.71 2.51
CA THR A 188 10.63 22.80 1.78
C THR A 188 12.11 23.06 2.00
N GLU A 189 12.50 24.10 2.74
CA GLU A 189 13.91 24.20 3.13
C GLU A 189 14.28 23.11 4.14
N THR A 190 13.34 22.68 4.99
CA THR A 190 13.63 21.68 6.02
C THR A 190 12.62 20.56 6.09
N PHE A 191 11.60 20.54 5.23
CA PHE A 191 10.46 19.63 5.36
C PHE A 191 9.94 19.63 6.80
N THR A 192 9.59 20.83 7.24
CA THR A 192 9.05 21.06 8.58
C THR A 192 7.64 21.64 8.49
N TRP A 193 6.70 20.98 9.15
CA TRP A 193 5.34 21.48 9.31
C TRP A 193 5.28 22.59 10.35
N SER A 194 4.54 23.65 10.05
CA SER A 194 4.19 24.67 11.03
C SER A 194 2.81 25.20 10.70
N GLN A 195 2.28 26.05 11.57
CA GLN A 195 1.03 26.75 11.27
C GLN A 195 1.25 28.24 11.52
N PRO A 196 0.90 29.10 10.58
CA PRO A 196 1.03 30.54 10.82
C PRO A 196 -0.09 31.04 11.71
N ILE A 197 0.24 32.06 12.51
CA ILE A 197 -0.76 32.80 13.26
C ILE A 197 -1.38 33.81 12.31
N THR A 198 -2.64 33.62 11.97
CA THR A 198 -3.29 34.50 11.02
C THR A 198 -4.15 35.53 11.73
N THR A 199 -4.37 36.66 11.05
CA THR A 199 -5.37 37.63 11.45
C THR A 199 -6.51 37.63 10.44
N GLY A 200 -7.63 38.20 10.83
CA GLY A 200 -8.79 38.30 9.98
C GLY A 200 -9.71 37.10 10.09
N LYS A 201 -10.89 37.24 9.50
CA LYS A 201 -11.87 36.16 9.45
C LYS A 201 -11.38 35.10 8.49
N ALA A 202 -11.02 33.94 9.01
CA ALA A 202 -10.74 32.80 8.16
C ALA A 202 -12.05 32.29 7.55
N PRO A 203 -11.98 31.68 6.36
CA PRO A 203 -13.18 31.03 5.83
C PRO A 203 -13.66 29.97 6.79
N SER A 204 -14.96 29.69 6.70
CA SER A 204 -15.51 28.56 7.42
C SER A 204 -14.75 27.30 7.04
N PRO A 205 -14.69 26.31 7.92
CA PRO A 205 -14.17 25.01 7.51
C PRO A 205 -14.91 24.52 6.29
N ARG A 206 -14.20 23.79 5.42
CA ARG A 206 -14.77 23.35 4.16
C ARG A 206 -13.85 22.34 3.49
N ALA A 207 -14.44 21.61 2.55
CA ALA A 207 -13.73 20.70 1.67
C ALA A 207 -14.24 20.86 0.24
N ALA A 208 -13.42 20.42 -0.72
CA ALA A 208 -13.77 20.45 -2.13
C ALA A 208 -13.93 21.91 -2.61
N HIS A 209 -13.32 22.83 -1.87
CA HIS A 209 -13.07 24.19 -2.32
C HIS A 209 -11.99 24.19 -3.39
N ALA A 210 -11.73 25.34 -3.98
CA ALA A 210 -10.62 25.46 -4.92
C ALA A 210 -9.76 26.64 -4.54
N CYS A 211 -8.44 26.45 -4.60
CA CYS A 211 -7.45 27.45 -4.29
C CYS A 211 -6.68 27.86 -5.55
N ALA A 212 -6.29 29.13 -5.62
CA ALA A 212 -5.45 29.64 -6.69
C ALA A 212 -4.55 30.71 -6.11
N THR A 213 -3.31 30.78 -6.60
CA THR A 213 -2.32 31.72 -6.09
C THR A 213 -1.91 32.70 -7.17
N VAL A 214 -1.98 34.00 -6.87
CA VAL A 214 -1.37 35.05 -7.69
C VAL A 214 -0.52 35.90 -6.77
N GLY A 215 0.76 35.99 -7.06
CA GLY A 215 1.66 36.75 -6.21
C GLY A 215 1.68 36.21 -4.80
N ASN A 216 1.51 37.11 -3.82
CA ASN A 216 1.43 36.76 -2.42
C ASN A 216 0.00 36.66 -1.92
N ARG A 217 -0.97 36.39 -2.79
CA ARG A 217 -2.37 36.26 -2.41
C ARG A 217 -2.83 34.84 -2.71
N GLY A 218 -3.28 34.15 -1.69
CA GLY A 218 -3.81 32.82 -1.88
C GLY A 218 -5.31 32.83 -1.86
N PHE A 219 -5.93 32.73 -3.03
CA PHE A 219 -7.38 32.82 -3.14
C PHE A 219 -8.02 31.47 -2.85
N VAL A 220 -9.25 31.50 -2.35
CA VAL A 220 -10.03 30.28 -2.21
C VAL A 220 -11.48 30.62 -2.49
N PHE A 221 -12.18 29.73 -3.18
CA PHE A 221 -13.56 29.96 -3.59
C PHE A 221 -14.40 28.73 -3.31
N GLY A 222 -15.59 28.94 -2.72
CA GLY A 222 -16.56 27.86 -2.66
C GLY A 222 -16.15 26.76 -1.70
N GLY A 223 -16.67 25.56 -1.96
CA GLY A 223 -16.47 24.40 -1.13
C GLY A 223 -17.76 23.92 -0.49
N ARG A 224 -17.69 22.74 0.12
CA ARG A 224 -18.80 22.17 0.86
C ARG A 224 -18.59 22.42 2.35
N TYR A 225 -19.66 22.86 3.03
CA TYR A 225 -19.66 22.94 4.49
C TYR A 225 -21.08 22.77 5.00
N ARG A 226 -21.28 21.76 5.86
CA ARG A 226 -22.58 21.44 6.46
C ARG A 226 -23.56 21.20 5.32
N ASP A 227 -24.64 21.96 5.19
CA ASP A 227 -25.64 21.66 4.18
C ASP A 227 -25.62 22.63 2.99
N ALA A 228 -24.48 23.26 2.71
CA ALA A 228 -24.36 24.12 1.55
C ALA A 228 -23.07 23.85 0.78
N ARG A 229 -23.13 24.13 -0.52
CA ARG A 229 -21.97 24.32 -1.37
C ARG A 229 -21.90 25.80 -1.71
N MET A 230 -20.77 26.42 -1.39
CA MET A 230 -20.71 27.85 -1.09
C MET A 230 -20.24 28.68 -2.28
N ASN A 231 -20.52 29.99 -2.21
CA ASN A 231 -20.18 30.92 -3.28
C ASN A 231 -19.22 32.00 -2.82
N ASP A 232 -18.62 31.85 -1.66
CA ASP A 232 -17.83 32.92 -1.10
C ASP A 232 -16.40 32.88 -1.62
N LEU A 233 -15.73 34.01 -1.50
CA LEU A 233 -14.40 34.20 -2.06
C LEU A 233 -13.58 34.93 -1.01
N HIS A 234 -12.41 34.38 -0.70
CA HIS A 234 -11.48 34.96 0.24
C HIS A 234 -10.08 34.87 -0.33
N TYR A 235 -9.14 35.62 0.27
CA TYR A 235 -7.73 35.37 0.03
C TYR A 235 -6.92 35.55 1.31
N LEU A 236 -5.98 34.66 1.53
CA LEU A 236 -5.02 34.79 2.61
C LEU A 236 -3.76 35.42 2.05
N ASN A 237 -3.35 36.56 2.61
CA ASN A 237 -2.10 37.21 2.25
C ASN A 237 -0.94 36.36 2.77
N LEU A 238 -0.11 35.84 1.87
CA LEU A 238 0.89 34.84 2.27
C LEU A 238 2.17 35.46 2.81
N ASP A 239 2.24 36.78 2.91
CA ASP A 239 3.31 37.54 3.54
C ASP A 239 2.93 38.03 4.93
N THR A 240 1.75 38.64 5.08
CA THR A 240 1.30 39.09 6.38
C THR A 240 0.52 38.03 7.14
N TRP A 241 -0.10 37.09 6.44
CA TRP A 241 -0.98 36.06 7.03
C TRP A 241 -2.26 36.70 7.55
N GLU A 242 -2.84 37.60 6.77
CA GLU A 242 -4.10 38.25 7.09
C GLU A 242 -5.16 37.78 6.09
N TRP A 243 -6.26 37.25 6.62
CA TRP A 243 -7.38 36.84 5.77
C TRP A 243 -8.16 38.06 5.31
N ASN A 244 -8.68 37.98 4.08
CA ASN A 244 -9.57 38.99 3.51
C ASN A 244 -10.72 38.28 2.81
N GLU A 245 -11.96 38.71 3.07
CA GLU A 245 -13.10 38.23 2.30
C GLU A 245 -13.41 39.22 1.20
N LEU A 246 -13.56 38.71 -0.01
CA LEU A 246 -13.81 39.53 -1.19
C LEU A 246 -15.30 39.53 -1.51
N ILE A 247 -15.83 40.70 -1.80
CA ILE A 247 -17.27 40.86 -2.03
C ILE A 247 -17.47 41.47 -3.42
N PRO A 248 -17.41 40.69 -4.50
CA PRO A 248 -17.58 41.27 -5.84
C PRO A 248 -18.98 41.82 -6.04
N GLN A 249 -19.05 42.90 -6.80
CA GLN A 249 -20.32 43.55 -7.10
C GLN A 249 -20.99 42.89 -8.29
N GLY A 250 -22.32 42.98 -8.31
CA GLY A 250 -23.07 42.43 -9.42
C GLY A 250 -23.19 40.91 -9.30
N ILE A 251 -23.24 40.26 -10.45
CA ILE A 251 -23.60 38.84 -10.53
C ILE A 251 -22.38 38.01 -10.17
N CYS A 252 -22.58 37.01 -9.32
CA CYS A 252 -21.54 36.09 -8.91
C CYS A 252 -21.97 34.69 -9.30
N PRO A 253 -21.01 33.77 -9.51
CA PRO A 253 -21.39 32.40 -9.83
C PRO A 253 -22.14 31.73 -8.69
N VAL A 254 -22.98 30.76 -9.07
CA VAL A 254 -23.71 29.98 -8.08
C VAL A 254 -22.71 29.24 -7.18
N GLY A 255 -23.12 29.00 -5.94
CA GLY A 255 -22.28 28.28 -5.01
C GLY A 255 -22.06 26.83 -5.45
N ARG A 256 -20.89 26.31 -5.10
CA ARG A 256 -20.53 25.01 -5.68
C ARG A 256 -19.35 24.42 -4.90
N SER A 257 -19.19 23.10 -5.06
CA SER A 257 -17.96 22.39 -4.70
C SER A 257 -17.45 21.62 -5.91
N TRP A 258 -16.26 21.05 -5.78
CA TRP A 258 -15.66 20.17 -6.79
C TRP A 258 -15.44 20.87 -8.13
N HIS A 259 -15.33 22.20 -8.08
CA HIS A 259 -14.98 23.06 -9.19
C HIS A 259 -13.47 23.24 -9.28
N SER A 260 -13.00 23.80 -10.39
CA SER A 260 -11.60 24.16 -10.53
C SER A 260 -11.46 25.67 -10.58
N LEU A 261 -10.37 26.16 -9.99
CA LEU A 261 -10.03 27.58 -10.01
C LEU A 261 -8.55 27.68 -10.34
N THR A 262 -8.21 28.41 -11.43
CA THR A 262 -6.87 28.42 -12.01
C THR A 262 -6.39 29.83 -12.37
N PRO A 263 -5.21 30.25 -11.92
CA PRO A 263 -4.66 31.53 -12.40
C PRO A 263 -4.43 31.49 -13.91
N VAL A 264 -4.89 32.53 -14.61
CA VAL A 264 -4.62 32.62 -16.03
C VAL A 264 -3.82 33.86 -16.41
N SER A 265 -3.73 34.85 -15.53
CA SER A 265 -2.86 36.00 -15.70
C SER A 265 -2.51 36.48 -14.31
N SER A 266 -1.69 37.53 -14.24
CA SER A 266 -1.48 38.17 -12.95
C SER A 266 -2.74 38.88 -12.44
N ASP A 267 -3.86 38.81 -13.18
CA ASP A 267 -5.06 39.51 -12.78
C ASP A 267 -6.34 38.71 -13.00
N HIS A 268 -6.28 37.43 -13.35
CA HIS A 268 -7.51 36.71 -13.65
C HIS A 268 -7.43 35.29 -13.11
N LEU A 269 -8.51 34.84 -12.51
CA LEU A 269 -8.66 33.44 -12.09
C LEU A 269 -9.75 32.81 -12.94
N PHE A 270 -9.50 31.60 -13.45
CA PHE A 270 -10.47 30.93 -14.30
C PHE A 270 -11.19 29.85 -13.51
N LEU A 271 -12.52 29.91 -13.51
CA LEU A 271 -13.41 28.99 -12.80
C LEU A 271 -14.14 28.10 -13.81
N PHE A 272 -14.19 26.80 -13.54
CA PHE A 272 -15.00 25.91 -14.37
C PHE A 272 -15.63 24.81 -13.56
N GLY A 273 -16.91 24.54 -13.85
CA GLY A 273 -17.64 23.39 -13.37
C GLY A 273 -17.99 23.37 -11.89
N GLY A 274 -18.16 22.16 -11.39
CA GLY A 274 -18.49 21.93 -10.01
C GLY A 274 -19.89 21.36 -9.84
N PHE A 275 -20.43 21.57 -8.64
CA PHE A 275 -21.60 20.84 -8.16
C PHE A 275 -22.38 21.73 -7.20
N THR A 276 -23.65 22.04 -7.53
CA THR A 276 -24.36 22.99 -6.68
C THR A 276 -24.87 22.33 -5.39
N THR A 277 -25.37 23.18 -4.48
CA THR A 277 -26.03 22.73 -3.25
C THR A 277 -27.13 21.72 -3.55
N ASP A 278 -27.98 22.00 -4.53
CA ASP A 278 -29.07 21.11 -4.88
CA ASP A 278 -29.08 21.09 -4.86
C ASP A 278 -28.67 20.05 -5.89
N LYS A 279 -27.36 19.78 -6.00
CA LYS A 279 -26.81 18.64 -6.74
C LYS A 279 -27.00 18.74 -8.26
N GLN A 280 -26.78 19.93 -8.81
CA GLN A 280 -26.70 20.08 -10.27
C GLN A 280 -25.24 20.03 -10.72
N PRO A 281 -24.86 19.11 -11.61
CA PRO A 281 -23.57 19.25 -12.31
C PRO A 281 -23.52 20.53 -13.13
N LEU A 282 -22.36 21.19 -13.11
CA LEU A 282 -22.18 22.50 -13.72
C LEU A 282 -21.26 22.45 -14.92
N SER A 283 -21.61 23.21 -15.96
CA SER A 283 -20.78 23.43 -17.13
C SER A 283 -20.45 24.91 -17.34
N ASP A 284 -20.70 25.76 -16.35
CA ASP A 284 -20.40 27.16 -16.55
C ASP A 284 -18.93 27.46 -16.30
N ALA A 285 -18.48 28.57 -16.87
CA ALA A 285 -17.09 29.01 -16.74
C ALA A 285 -17.08 30.51 -16.56
N TRP A 286 -16.20 30.99 -15.68
CA TRP A 286 -16.08 32.41 -15.39
C TRP A 286 -14.61 32.78 -15.29
N THR A 287 -14.33 34.07 -15.47
CA THR A 287 -13.03 34.60 -15.09
C THR A 287 -13.25 35.63 -13.99
N TYR A 288 -12.47 35.53 -12.92
CA TYR A 288 -12.52 36.53 -11.86
C TYR A 288 -11.40 37.53 -12.11
N CYS A 289 -11.77 38.77 -12.40
CA CYS A 289 -10.81 39.86 -12.57
C CYS A 289 -10.48 40.41 -11.19
N ILE A 290 -9.21 40.25 -10.78
CA ILE A 290 -8.79 40.62 -9.43
C ILE A 290 -8.86 42.13 -9.25
N SER A 291 -8.30 42.88 -10.21
CA SER A 291 -8.20 44.32 -10.09
C SER A 291 -9.58 44.98 -10.07
N LYS A 292 -10.53 44.44 -10.83
CA LYS A 292 -11.87 44.98 -10.84
C LYS A 292 -12.79 44.37 -9.79
N ASN A 293 -12.37 43.29 -9.13
CA ASN A 293 -13.20 42.55 -8.19
C ASN A 293 -14.56 42.26 -8.83
N GLU A 294 -14.52 41.61 -9.98
CA GLU A 294 -15.71 41.34 -10.77
C GLU A 294 -15.59 40.00 -11.47
N TRP A 295 -16.69 39.23 -11.50
CA TRP A 295 -16.79 38.02 -12.29
C TRP A 295 -17.31 38.30 -13.69
N ILE A 296 -16.71 37.64 -14.67
CA ILE A 296 -17.15 37.68 -16.06
C ILE A 296 -17.48 36.26 -16.48
N GLN A 297 -18.70 36.04 -16.95
CA GLN A 297 -19.02 34.73 -17.48
C GLN A 297 -18.27 34.52 -18.79
N PHE A 298 -17.77 33.31 -18.99
CA PHE A 298 -16.87 32.99 -20.10
C PHE A 298 -17.59 32.05 -21.04
N ASN A 299 -17.58 32.36 -22.33
CA ASN A 299 -18.32 31.58 -23.31
C ASN A 299 -17.42 30.53 -23.94
N HIS A 300 -17.90 29.28 -23.93
CA HIS A 300 -17.11 28.14 -24.36
C HIS A 300 -18.04 27.15 -25.03
N PRO A 301 -17.49 26.21 -25.81
CA PRO A 301 -18.33 25.23 -26.52
C PRO A 301 -18.58 23.93 -25.78
N TYR A 302 -18.26 23.85 -24.48
CA TYR A 302 -18.47 22.64 -23.68
C TYR A 302 -19.67 22.76 -22.75
N THR A 303 -20.68 23.56 -23.12
CA THR A 303 -21.82 23.76 -22.22
C THR A 303 -22.61 22.48 -21.97
N GLU A 304 -22.46 21.47 -22.83
CA GLU A 304 -23.11 20.18 -22.61
C GLU A 304 -22.17 19.16 -21.94
N LYS A 305 -21.06 19.62 -21.36
CA LYS A 305 -20.10 18.73 -20.72
C LYS A 305 -19.80 19.21 -19.30
N PRO A 306 -20.78 19.14 -18.39
CA PRO A 306 -20.50 19.54 -17.01
C PRO A 306 -19.46 18.62 -16.41
N ARG A 307 -18.66 19.16 -15.49
CA ARG A 307 -17.63 18.36 -14.84
C ARG A 307 -17.53 18.73 -13.37
N LEU A 308 -17.38 17.72 -12.52
CA LEU A 308 -17.07 17.93 -11.12
C LEU A 308 -15.99 16.95 -10.72
N TRP A 309 -15.09 17.40 -9.85
CA TRP A 309 -13.93 16.64 -9.38
C TRP A 309 -12.96 16.35 -10.52
N HIS A 310 -13.03 17.17 -11.55
CA HIS A 310 -12.04 17.24 -12.61
C HIS A 310 -10.82 17.98 -12.08
N THR A 311 -9.81 18.13 -12.93
CA THR A 311 -8.68 18.99 -12.65
C THR A 311 -8.51 19.99 -13.78
N ALA A 312 -7.86 21.12 -13.46
CA ALA A 312 -7.52 22.14 -14.44
C ALA A 312 -6.09 22.61 -14.24
N CYS A 313 -5.37 22.75 -15.36
CA CYS A 313 -4.02 23.29 -15.39
C CYS A 313 -3.91 24.33 -16.50
N ALA A 314 -3.23 25.44 -16.20
CA ALA A 314 -2.95 26.44 -17.21
C ALA A 314 -1.67 26.10 -17.96
N SER A 315 -1.67 26.30 -19.26
CA SER A 315 -0.49 26.07 -20.07
C SER A 315 0.22 27.39 -20.35
N ASP A 316 1.50 27.28 -20.73
CA ASP A 316 2.26 28.43 -21.18
C ASP A 316 1.61 29.08 -22.40
N GLU A 317 0.76 28.35 -23.13
CA GLU A 317 0.18 28.83 -24.38
C GLU A 317 -1.24 29.36 -24.22
N GLY A 318 -1.59 29.88 -23.04
CA GLY A 318 -2.81 30.63 -22.84
C GLY A 318 -4.06 29.80 -22.59
N GLU A 319 -3.94 28.47 -22.59
CA GLU A 319 -5.08 27.57 -22.46
C GLU A 319 -5.22 27.10 -21.02
N VAL A 320 -6.43 26.65 -20.68
CA VAL A 320 -6.67 25.92 -19.43
C VAL A 320 -7.10 24.51 -19.83
N ILE A 321 -6.37 23.52 -19.34
CA ILE A 321 -6.54 22.14 -19.72
C ILE A 321 -7.29 21.44 -18.60
N VAL A 322 -8.49 20.97 -18.89
CA VAL A 322 -9.32 20.27 -17.93
C VAL A 322 -9.31 18.80 -18.29
N PHE A 323 -9.12 17.93 -17.31
CA PHE A 323 -9.08 16.50 -17.52
C PHE A 323 -9.89 15.79 -16.45
N GLY A 324 -10.49 14.65 -16.83
CA GLY A 324 -11.15 13.78 -15.89
C GLY A 324 -12.41 14.40 -15.30
N GLY A 325 -12.78 13.89 -14.13
CA GLY A 325 -13.98 14.35 -13.47
C GLY A 325 -15.19 13.58 -13.93
N CYS A 326 -16.34 13.93 -13.35
CA CYS A 326 -17.60 13.21 -13.56
C CYS A 326 -18.64 14.13 -14.16
N ALA A 327 -19.44 13.62 -15.11
CA ALA A 327 -20.41 14.43 -15.83
C ALA A 327 -21.77 14.49 -15.15
N ASN A 328 -21.98 13.70 -14.10
CA ASN A 328 -23.23 13.75 -13.35
C ASN A 328 -22.92 13.67 -11.85
N ASN A 329 -23.94 13.34 -11.06
CA ASN A 329 -23.80 13.24 -9.61
C ASN A 329 -23.01 11.99 -9.29
N LEU A 330 -21.71 12.14 -8.99
CA LEU A 330 -20.87 10.99 -8.70
C LEU A 330 -21.28 10.27 -7.43
N LEU A 331 -22.07 10.92 -6.58
CA LEU A 331 -22.53 10.29 -5.35
C LEU A 331 -23.49 9.14 -5.61
N VAL A 332 -24.08 9.08 -6.80
CA VAL A 332 -24.83 7.88 -7.22
C VAL A 332 -23.81 7.03 -7.97
N HIS A 333 -23.03 6.27 -7.20
CA HIS A 333 -21.80 5.71 -7.74
C HIS A 333 -22.08 4.72 -8.88
N HIS A 334 -23.19 3.97 -8.79
CA HIS A 334 -23.46 2.98 -9.83
C HIS A 334 -23.91 3.59 -11.14
N ARG A 335 -24.29 4.87 -11.17
CA ARG A 335 -24.63 5.56 -12.42
C ARG A 335 -23.59 6.60 -12.83
N ALA A 336 -22.49 6.73 -12.09
CA ALA A 336 -21.57 7.85 -12.30
C ALA A 336 -20.90 7.75 -13.68
N ALA A 337 -20.78 8.91 -14.34
CA ALA A 337 -20.21 9.01 -15.68
C ALA A 337 -18.86 9.72 -15.54
N HIS A 338 -17.84 8.95 -15.21
CA HIS A 338 -16.50 9.49 -15.13
C HIS A 338 -15.91 9.58 -16.52
N SER A 339 -15.06 10.59 -16.72
CA SER A 339 -14.60 11.01 -18.04
C SER A 339 -13.10 10.85 -18.18
N ASN A 340 -12.65 10.59 -19.39
CA ASN A 340 -11.24 10.69 -19.72
C ASN A 340 -10.97 11.82 -20.71
N GLU A 341 -11.93 12.72 -20.90
CA GLU A 341 -11.81 13.76 -21.92
C GLU A 341 -10.87 14.86 -21.49
N ILE A 342 -10.23 15.49 -22.48
CA ILE A 342 -9.51 16.74 -22.34
C ILE A 342 -10.39 17.84 -22.90
N LEU A 343 -10.71 18.82 -22.07
CA LEU A 343 -11.40 20.03 -22.48
C LEU A 343 -10.39 21.15 -22.48
N ILE A 344 -10.23 21.82 -23.62
CA ILE A 344 -9.26 22.92 -23.75
C ILE A 344 -10.02 24.22 -23.81
N PHE A 345 -9.79 25.08 -22.82
CA PHE A 345 -10.36 26.41 -22.77
C PHE A 345 -9.31 27.41 -23.25
N SER A 346 -9.68 28.23 -24.24
CA SER A 346 -8.76 29.22 -24.80
C SER A 346 -9.08 30.57 -24.16
N VAL A 347 -8.47 30.83 -23.01
CA VAL A 347 -8.78 32.03 -22.25
C VAL A 347 -7.90 33.22 -22.63
N GLN A 348 -6.80 32.99 -23.33
CA GLN A 348 -5.93 34.09 -23.77
C GLN A 348 -5.67 34.02 -25.26
N LEU B 14 -6.08 -11.60 28.72
CA LEU B 14 -5.45 -10.37 28.24
C LEU B 14 -5.54 -10.24 26.71
N ALA B 15 -4.82 -9.26 26.17
CA ALA B 15 -4.90 -8.94 24.74
C ALA B 15 -4.51 -10.16 23.90
N CYS B 16 -5.33 -10.46 22.90
CA CYS B 16 -5.20 -11.67 22.11
C CYS B 16 -5.22 -11.31 20.63
N PRO B 17 -4.27 -11.80 19.83
CA PRO B 17 -4.29 -11.49 18.40
C PRO B 17 -5.47 -12.15 17.70
N ALA B 18 -5.88 -11.54 16.59
CA ALA B 18 -6.95 -12.08 15.78
C ALA B 18 -6.50 -13.36 15.07
N GLU B 19 -7.46 -14.23 14.78
CA GLU B 19 -7.17 -15.46 14.04
C GLU B 19 -6.63 -15.14 12.66
N ARG B 20 -5.84 -16.05 12.10
CA ARG B 20 -5.24 -15.80 10.80
C ARG B 20 -4.57 -17.08 10.29
N SER B 21 -4.44 -17.16 8.96
CA SER B 21 -3.54 -18.11 8.31
C SER B 21 -2.63 -17.35 7.37
N GLY B 22 -1.57 -18.01 6.94
CA GLY B 22 -0.66 -17.40 5.98
C GLY B 22 0.13 -16.21 6.51
N HIS B 23 0.18 -16.04 7.82
CA HIS B 23 0.99 -15.04 8.51
C HIS B 23 2.45 -15.47 8.53
N VAL B 24 3.31 -14.59 9.07
CA VAL B 24 4.67 -15.02 9.41
C VAL B 24 4.85 -15.01 10.92
N ALA B 25 5.76 -15.87 11.39
CA ALA B 25 6.22 -15.86 12.77
C ALA B 25 7.71 -16.22 12.78
N VAL B 26 8.51 -15.38 13.42
CA VAL B 26 9.92 -15.66 13.60
C VAL B 26 10.28 -15.31 15.04
N SER B 27 11.39 -15.89 15.49
CA SER B 27 11.74 -15.71 16.89
C SER B 27 13.25 -15.77 17.07
N ASP B 28 13.69 -15.24 18.21
CA ASP B 28 15.05 -15.32 18.69
C ASP B 28 15.24 -16.44 19.70
N GLY B 29 14.23 -17.28 19.88
CA GLY B 29 14.23 -18.31 20.89
C GLY B 29 13.53 -17.95 22.17
N ARG B 30 13.17 -16.67 22.35
CA ARG B 30 12.46 -16.20 23.54
C ARG B 30 11.20 -15.40 23.24
N HIS B 31 11.24 -14.53 22.23
CA HIS B 31 10.11 -13.72 21.81
C HIS B 31 9.74 -14.11 20.39
N MET B 32 8.46 -14.32 20.14
CA MET B 32 7.99 -14.73 18.81
C MET B 32 7.28 -13.54 18.17
N PHE B 33 7.74 -13.15 16.99
CA PHE B 33 7.18 -11.99 16.30
C PHE B 33 6.26 -12.45 15.19
N VAL B 34 5.04 -11.94 15.20
CA VAL B 34 3.99 -12.37 14.28
C VAL B 34 3.55 -11.17 13.45
N TRP B 35 3.44 -11.36 12.14
CA TRP B 35 2.97 -10.30 11.23
C TRP B 35 2.06 -10.85 10.13
N GLY B 36 1.03 -10.09 9.78
CA GLY B 36 0.32 -10.34 8.54
C GLY B 36 -0.68 -11.50 8.56
N GLY B 37 -0.90 -12.07 7.39
CA GLY B 37 -1.85 -13.16 7.21
C GLY B 37 -3.21 -12.62 6.85
N TYR B 38 -4.19 -13.53 6.85
CA TYR B 38 -5.56 -13.21 6.44
C TYR B 38 -6.52 -14.12 7.20
N LYS B 39 -7.80 -13.78 7.12
CA LYS B 39 -8.84 -14.62 7.72
C LYS B 39 -10.10 -14.44 6.88
N SER B 40 -11.24 -14.89 7.40
CA SER B 40 -12.52 -14.80 6.70
C SER B 40 -13.55 -14.20 7.64
N ASN B 41 -13.71 -12.88 7.61
CA ASN B 41 -14.75 -12.20 8.37
C ASN B 41 -14.85 -10.74 7.96
N PHE B 49 -10.45 -11.03 4.79
CA PHE B 49 -9.57 -9.91 4.48
C PHE B 49 -8.16 -10.13 5.05
N TYR B 50 -7.28 -9.16 4.80
CA TYR B 50 -5.95 -9.23 5.37
C TYR B 50 -5.92 -8.58 6.76
N LEU B 51 -5.10 -9.16 7.64
CA LEU B 51 -4.89 -8.56 8.95
C LEU B 51 -4.11 -7.26 8.80
N PRO B 52 -4.25 -6.34 9.77
CA PRO B 52 -3.70 -4.99 9.59
C PRO B 52 -2.18 -5.02 9.43
N ARG B 53 -1.68 -4.26 8.44
CA ARG B 53 -0.27 -4.31 8.07
C ARG B 53 0.62 -3.68 9.12
N GLU B 54 0.12 -2.72 9.88
CA GLU B 54 0.99 -1.98 10.78
C GLU B 54 1.15 -2.65 12.13
N GLU B 55 0.45 -3.76 12.39
CA GLU B 55 0.50 -4.45 13.66
C GLU B 55 1.61 -5.49 13.67
N LEU B 56 2.34 -5.54 14.78
CA LEU B 56 3.39 -6.51 15.03
C LEU B 56 3.07 -7.12 16.40
N TRP B 57 2.71 -8.39 16.42
CA TRP B 57 2.36 -9.09 17.66
C TRP B 57 3.60 -9.83 18.15
N ILE B 58 3.89 -9.67 19.44
CA ILE B 58 5.07 -10.27 20.07
C ILE B 58 4.58 -11.23 21.14
N TYR B 59 5.00 -12.48 21.06
CA TYR B 59 4.63 -13.50 22.03
C TYR B 59 5.85 -13.84 22.87
N ASN B 60 5.71 -13.74 24.19
CA ASN B 60 6.76 -14.10 25.11
C ASN B 60 6.69 -15.61 25.37
N MET B 61 7.73 -16.33 24.98
CA MET B 61 7.71 -17.80 25.03
C MET B 61 7.91 -18.34 26.43
N GLU B 62 8.43 -17.53 27.34
CA GLU B 62 8.66 -17.95 28.73
C GLU B 62 7.42 -17.72 29.60
N THR B 63 6.76 -16.58 29.42
CA THR B 63 5.59 -16.21 30.21
C THR B 63 4.27 -16.57 29.54
N GLY B 64 4.23 -16.60 28.20
CA GLY B 64 3.01 -16.92 27.49
C GLY B 64 2.07 -15.77 27.22
N ARG B 65 2.55 -14.53 27.28
CA ARG B 65 1.70 -13.36 27.09
C ARG B 65 2.09 -12.64 25.81
N TRP B 66 1.11 -11.94 25.22
CA TRP B 66 1.26 -11.25 23.95
C TRP B 66 1.49 -9.75 24.14
N LYS B 67 1.96 -9.11 23.07
CA LYS B 67 2.12 -7.66 23.04
C LYS B 67 1.88 -7.20 21.61
N LYS B 68 1.21 -6.06 21.44
CA LYS B 68 0.93 -5.51 20.12
C LYS B 68 1.56 -4.12 19.98
N ILE B 69 2.51 -4.00 19.08
CA ILE B 69 3.11 -2.71 18.75
C ILE B 69 2.72 -2.34 17.33
N ASN B 70 2.60 -1.04 17.08
CA ASN B 70 2.33 -0.55 15.74
C ASN B 70 3.62 -0.01 15.14
N THR B 71 3.94 -0.45 13.94
CA THR B 71 5.16 -0.07 13.25
C THR B 71 4.91 1.14 12.37
N GLU B 72 6.01 1.75 11.90
CA GLU B 72 5.91 2.85 10.95
C GLU B 72 7.01 2.66 9.91
N GLY B 73 7.30 3.71 9.15
CA GLY B 73 8.26 3.62 8.07
C GLY B 73 7.67 2.99 6.83
N ASP B 74 8.46 2.15 6.14
CA ASP B 74 8.02 1.51 4.90
C ASP B 74 7.22 0.26 5.24
N VAL B 75 6.04 0.47 5.83
CA VAL B 75 5.21 -0.68 6.24
C VAL B 75 4.90 -1.52 5.02
N PRO B 76 5.17 -2.83 5.04
CA PRO B 76 4.81 -3.65 3.89
C PRO B 76 3.29 -3.69 3.72
N PRO B 77 2.81 -3.99 2.52
CA PRO B 77 1.37 -4.21 2.35
C PRO B 77 0.93 -5.45 3.13
N SER B 78 -0.33 -5.43 3.58
CA SER B 78 -0.95 -6.61 4.18
C SER B 78 -0.91 -7.79 3.22
N MET B 79 -0.27 -8.89 3.64
CA MET B 79 -0.01 -10.03 2.77
C MET B 79 -0.21 -11.36 3.49
N SER B 80 -0.65 -12.37 2.73
CA SER B 80 -0.48 -13.77 3.07
C SER B 80 0.75 -14.35 2.36
N GLY B 81 1.30 -15.43 2.91
CA GLY B 81 2.31 -16.15 2.16
C GLY B 81 3.70 -15.55 2.11
N SER B 82 4.01 -14.52 2.92
CA SER B 82 5.34 -13.93 2.93
C SER B 82 6.33 -14.88 3.62
N CYS B 83 7.61 -14.62 3.39
CA CYS B 83 8.68 -15.50 3.88
C CYS B 83 9.65 -14.65 4.70
N ALA B 84 9.74 -14.94 6.00
CA ALA B 84 10.43 -14.03 6.91
C ALA B 84 11.42 -14.79 7.80
N VAL B 85 12.46 -14.06 8.24
CA VAL B 85 13.50 -14.58 9.12
C VAL B 85 13.80 -13.57 10.21
N CYS B 86 14.38 -14.05 11.28
CA CYS B 86 14.94 -13.19 12.32
C CYS B 86 16.40 -13.56 12.48
N VAL B 87 17.29 -12.59 12.27
CA VAL B 87 18.72 -12.78 12.46
C VAL B 87 19.22 -11.63 13.32
N ASP B 88 19.80 -11.95 14.47
CA ASP B 88 20.32 -10.93 15.40
C ASP B 88 19.21 -9.95 15.81
N ARG B 89 17.99 -10.46 15.98
CA ARG B 89 16.81 -9.64 16.30
C ARG B 89 16.54 -8.59 15.24
N VAL B 90 16.94 -8.86 14.01
CA VAL B 90 16.53 -8.07 12.85
C VAL B 90 15.61 -8.94 12.01
N LEU B 91 14.46 -8.40 11.66
CA LEU B 91 13.50 -9.12 10.85
C LEU B 91 13.70 -8.77 9.39
N TYR B 92 13.69 -9.79 8.54
CA TYR B 92 13.73 -9.65 7.10
C TYR B 92 12.54 -10.37 6.51
N LEU B 93 11.92 -9.76 5.51
CA LEU B 93 10.64 -10.22 4.96
C LEU B 93 10.74 -10.14 3.46
N PHE B 94 10.42 -11.24 2.77
CA PHE B 94 10.48 -11.28 1.32
C PHE B 94 9.19 -11.84 0.76
N GLY B 95 8.73 -11.26 -0.35
CA GLY B 95 7.62 -11.84 -1.08
C GLY B 95 6.30 -11.78 -0.33
N GLY B 96 5.35 -12.56 -0.83
CA GLY B 96 3.99 -12.56 -0.32
C GLY B 96 2.97 -12.21 -1.41
N HIS B 97 1.71 -12.13 -0.97
CA HIS B 97 0.59 -11.81 -1.84
C HIS B 97 -0.30 -10.82 -1.12
N HIS B 98 -0.56 -9.67 -1.74
CA HIS B 98 -1.42 -8.64 -1.17
C HIS B 98 -2.64 -8.47 -2.07
N SER B 99 -3.43 -7.41 -1.80
CA SER B 99 -4.71 -7.22 -2.49
C SER B 99 -4.55 -7.05 -4.01
N ARG B 100 -3.36 -6.70 -4.48
CA ARG B 100 -3.09 -6.54 -5.91
C ARG B 100 -2.03 -7.53 -6.40
N GLY B 101 -1.88 -8.67 -5.75
CA GLY B 101 -1.08 -9.74 -6.29
C GLY B 101 0.22 -9.98 -5.54
N ASN B 102 1.15 -10.65 -6.22
CA ASN B 102 2.40 -11.08 -5.61
C ASN B 102 3.45 -9.98 -5.69
N THR B 103 4.50 -10.14 -4.88
CA THR B 103 5.59 -9.18 -4.82
C THR B 103 6.92 -9.92 -4.66
N ASN B 104 7.99 -9.22 -5.01
CA ASN B 104 9.36 -9.64 -4.75
C ASN B 104 10.12 -8.55 -4.02
N LYS B 105 9.40 -7.64 -3.35
CA LYS B 105 10.02 -6.61 -2.52
C LYS B 105 10.56 -7.22 -1.21
N PHE B 106 11.64 -6.61 -0.70
CA PHE B 106 12.38 -7.08 0.47
C PHE B 106 12.37 -6.01 1.55
N TYR B 107 11.99 -6.37 2.77
CA TYR B 107 11.89 -5.42 3.86
C TYR B 107 12.76 -5.85 5.03
N MET B 108 13.10 -4.88 5.85
CA MET B 108 13.87 -5.12 7.07
C MET B 108 13.20 -4.41 8.23
N LEU B 109 13.19 -5.04 9.39
CA LEU B 109 12.64 -4.42 10.60
C LEU B 109 13.62 -4.65 11.74
N ASP B 110 14.35 -3.60 12.11
CA ASP B 110 15.28 -3.68 13.22
C ASP B 110 14.51 -3.62 14.53
N SER B 111 14.51 -4.73 15.27
CA SER B 111 13.74 -4.85 16.50
C SER B 111 14.62 -4.81 17.73
N ARG B 112 15.87 -4.39 17.60
CA ARG B 112 16.81 -4.49 18.71
C ARG B 112 16.58 -3.43 19.76
N SER B 113 16.15 -2.23 19.36
CA SER B 113 15.83 -1.18 20.32
C SER B 113 14.39 -0.72 20.16
N VAL B 117 9.14 3.27 18.72
CA VAL B 117 8.31 2.68 17.67
C VAL B 117 9.20 2.10 16.58
N LEU B 118 8.92 0.86 16.22
CA LEU B 118 9.76 0.13 15.29
C LEU B 118 9.47 0.55 13.86
N GLN B 119 10.52 0.58 13.03
CA GLN B 119 10.49 1.21 11.71
C GLN B 119 10.80 0.19 10.64
N TRP B 120 9.89 0.02 9.68
CA TRP B 120 10.16 -0.83 8.54
C TRP B 120 11.02 -0.12 7.51
N GLU B 121 11.91 -0.87 6.87
CA GLU B 121 12.81 -0.38 5.83
C GLU B 121 12.68 -1.26 4.60
N ARG B 122 12.17 -0.70 3.50
CA ARG B 122 12.21 -1.40 2.22
C ARG B 122 13.60 -1.21 1.64
N ILE B 123 14.27 -2.32 1.30
CA ILE B 123 15.65 -2.28 0.84
C ILE B 123 15.69 -2.31 -0.67
N ASP B 124 16.40 -1.34 -1.26
CA ASP B 124 16.68 -1.30 -2.70
C ASP B 124 17.79 -2.29 -2.99
N CYS B 125 17.42 -3.56 -3.05
CA CYS B 125 18.43 -4.60 -3.25
C CYS B 125 19.05 -4.50 -4.63
N GLN B 126 20.34 -4.81 -4.72
CA GLN B 126 21.06 -4.88 -5.97
C GLN B 126 20.83 -6.24 -6.63
N GLY B 127 21.13 -6.31 -7.92
CA GLY B 127 21.05 -7.57 -8.63
C GLY B 127 19.62 -7.90 -9.06
N ILE B 128 19.47 -9.09 -9.62
CA ILE B 128 18.20 -9.53 -10.18
C ILE B 128 17.43 -10.26 -9.08
N PRO B 129 16.33 -9.71 -8.58
CA PRO B 129 15.60 -10.35 -7.51
C PRO B 129 14.90 -11.59 -8.03
N PRO B 130 14.34 -12.40 -7.15
CA PRO B 130 13.50 -13.52 -7.60
C PRO B 130 12.21 -13.00 -8.23
N SER B 131 11.50 -13.90 -8.90
CA SER B 131 10.19 -13.53 -9.42
C SER B 131 9.22 -13.26 -8.27
N SER B 132 8.20 -12.46 -8.54
CA SER B 132 7.21 -12.16 -7.51
C SER B 132 6.47 -13.44 -7.12
N LYS B 133 6.48 -13.76 -5.82
CA LYS B 133 5.96 -15.06 -5.42
C LYS B 133 5.64 -15.10 -3.93
N ASP B 134 4.98 -16.18 -3.53
CA ASP B 134 4.62 -16.43 -2.13
C ASP B 134 4.80 -17.91 -1.82
N LYS B 135 4.50 -18.27 -0.58
CA LYS B 135 4.46 -19.67 -0.11
C LYS B 135 5.74 -20.43 -0.47
N LEU B 136 6.87 -19.87 -0.03
CA LEU B 136 8.21 -20.40 -0.26
C LEU B 136 8.87 -20.73 1.07
N GLY B 137 10.20 -20.90 1.06
CA GLY B 137 10.94 -21.14 2.28
C GLY B 137 12.32 -20.53 2.18
N VAL B 138 13.03 -20.47 3.30
CA VAL B 138 14.31 -19.79 3.31
C VAL B 138 15.23 -20.45 4.33
N TRP B 139 16.51 -20.49 4.00
CA TRP B 139 17.54 -20.95 4.90
C TRP B 139 18.46 -19.79 5.25
N VAL B 140 18.84 -19.71 6.52
CA VAL B 140 19.80 -18.69 6.95
C VAL B 140 21.15 -19.36 7.09
N TYR B 141 22.18 -18.77 6.51
CA TYR B 141 23.53 -19.34 6.66
C TYR B 141 24.56 -18.23 6.54
N LYS B 142 25.19 -17.91 7.67
CA LYS B 142 26.19 -16.84 7.77
C LYS B 142 25.54 -15.56 7.26
N ASN B 143 26.16 -14.84 6.34
CA ASN B 143 25.62 -13.58 5.86
C ASN B 143 24.53 -13.75 4.80
N LYS B 144 24.22 -14.98 4.42
CA LYS B 144 23.33 -15.27 3.30
C LYS B 144 21.94 -15.64 3.80
N LEU B 145 20.92 -15.08 3.12
CA LEU B 145 19.55 -15.59 3.16
C LEU B 145 19.32 -16.34 1.85
N ILE B 146 18.92 -17.60 1.94
CA ILE B 146 18.84 -18.50 0.79
C ILE B 146 17.37 -18.91 0.62
N PHE B 147 16.73 -18.39 -0.44
CA PHE B 147 15.31 -18.62 -0.69
C PHE B 147 15.11 -19.72 -1.72
N PHE B 148 14.06 -20.54 -1.55
CA PHE B 148 13.82 -21.65 -2.46
C PHE B 148 12.33 -21.79 -2.77
N GLY B 149 12.02 -21.95 -4.04
CA GLY B 149 10.70 -22.36 -4.47
C GLY B 149 9.70 -21.22 -4.43
N GLY B 150 8.42 -21.60 -4.50
CA GLY B 150 7.33 -20.65 -4.35
C GLY B 150 6.34 -20.70 -5.48
N TYR B 151 5.35 -19.81 -5.40
CA TYR B 151 4.22 -19.76 -6.31
C TYR B 151 4.01 -18.32 -6.71
N GLY B 152 3.89 -18.05 -8.02
CA GLY B 152 3.71 -16.68 -8.45
C GLY B 152 3.83 -16.56 -9.94
N TYR B 153 4.03 -15.30 -10.41
CA TYR B 153 3.99 -15.03 -11.83
C TYR B 153 5.18 -15.64 -12.55
N LEU B 154 4.96 -15.87 -13.85
CA LEU B 154 6.04 -16.17 -14.76
C LEU B 154 7.21 -15.21 -14.50
N PRO B 155 8.43 -15.71 -14.34
CA PRO B 155 9.56 -14.79 -14.18
C PRO B 155 9.64 -13.80 -15.33
N GLU B 156 9.83 -12.53 -14.99
CA GLU B 156 10.00 -11.50 -16.01
C GLU B 156 11.25 -11.76 -16.84
N ASP B 157 12.21 -12.49 -16.29
CA ASP B 157 13.46 -12.82 -16.98
C ASP B 157 13.75 -14.30 -16.77
N LYS B 158 14.25 -14.94 -17.84
CA LYS B 158 14.69 -16.33 -17.74
C LYS B 158 15.95 -16.40 -16.88
N VAL B 159 15.90 -17.22 -15.83
CA VAL B 159 16.98 -17.35 -14.85
C VAL B 159 17.28 -18.83 -14.64
N LEU B 160 18.19 -19.11 -13.70
CA LEU B 160 18.59 -20.49 -13.43
C LEU B 160 17.47 -21.24 -12.72
N GLY B 161 17.03 -22.33 -13.31
CA GLY B 161 15.99 -23.15 -12.72
C GLY B 161 14.81 -23.29 -13.66
N THR B 162 13.72 -23.80 -13.11
CA THR B 162 12.55 -24.09 -13.93
C THR B 162 11.29 -23.57 -13.26
N PHE B 163 10.33 -23.21 -14.11
CA PHE B 163 9.03 -22.70 -13.70
C PHE B 163 7.97 -23.50 -14.43
N GLU B 164 6.91 -23.84 -13.72
CA GLU B 164 5.85 -24.72 -14.23
C GLU B 164 4.50 -24.06 -13.97
N PHE B 165 3.76 -23.77 -15.03
CA PHE B 165 2.48 -23.10 -14.86
C PHE B 165 1.46 -24.00 -14.17
N ASP B 166 0.67 -23.39 -13.30
CA ASP B 166 -0.54 -24.01 -12.74
C ASP B 166 -1.68 -23.67 -13.69
N GLU B 167 -2.16 -24.68 -14.43
CA GLU B 167 -3.13 -24.39 -15.49
C GLU B 167 -4.43 -23.84 -14.93
N THR B 168 -4.78 -24.18 -13.67
CA THR B 168 -6.01 -23.66 -13.10
C THR B 168 -5.98 -22.14 -12.97
N SER B 169 -4.78 -21.53 -12.92
CA SER B 169 -4.65 -20.09 -12.78
C SER B 169 -4.98 -19.32 -14.06
N PHE B 170 -5.10 -20.00 -15.20
CA PHE B 170 -5.48 -19.29 -16.42
C PHE B 170 -6.98 -19.00 -16.44
N TRP B 171 -7.79 -19.93 -15.94
CA TRP B 171 -9.23 -19.73 -15.95
C TRP B 171 -9.66 -18.67 -14.94
N ASN B 172 -9.39 -18.93 -13.66
CA ASN B 172 -9.90 -18.08 -12.58
C ASN B 172 -9.08 -16.79 -12.46
N SER B 173 -7.79 -16.91 -12.23
CA SER B 173 -6.95 -15.73 -12.08
C SER B 173 -6.91 -14.95 -13.39
N SER B 174 -6.85 -13.62 -13.27
CA SER B 174 -6.61 -12.79 -14.45
C SER B 174 -5.17 -12.89 -14.89
N HIS B 175 -4.26 -13.19 -13.97
CA HIS B 175 -2.84 -13.38 -14.25
C HIS B 175 -2.46 -14.79 -13.87
N PRO B 176 -1.90 -15.59 -14.78
CA PRO B 176 -1.55 -16.98 -14.43
C PRO B 176 -0.33 -17.02 -13.52
N ARG B 177 -0.24 -18.12 -12.78
CA ARG B 177 0.86 -18.33 -11.85
C ARG B 177 1.30 -19.80 -11.93
N GLY B 178 2.49 -20.05 -11.40
CA GLY B 178 3.03 -21.40 -11.38
C GLY B 178 4.02 -21.55 -10.26
N TRP B 179 4.61 -22.75 -10.19
CA TRP B 179 5.59 -23.16 -9.20
C TRP B 179 7.00 -23.04 -9.77
N ASN B 180 7.96 -22.80 -8.89
CA ASN B 180 9.36 -22.74 -9.31
C ASN B 180 10.22 -23.53 -8.33
N ASP B 181 11.40 -23.93 -8.82
CA ASP B 181 12.41 -24.59 -8.01
C ASP B 181 13.63 -23.70 -7.79
N HIS B 182 13.49 -22.38 -7.94
CA HIS B 182 14.64 -21.50 -7.93
C HIS B 182 15.31 -21.40 -6.58
N VAL B 183 16.64 -21.27 -6.60
CA VAL B 183 17.43 -20.90 -5.42
C VAL B 183 17.97 -19.50 -5.67
N HIS B 184 17.72 -18.59 -4.71
CA HIS B 184 18.29 -17.24 -4.75
C HIS B 184 18.98 -16.94 -3.43
N ILE B 185 20.10 -16.24 -3.50
CA ILE B 185 20.84 -15.76 -2.34
C ILE B 185 20.61 -14.26 -2.23
N LEU B 186 20.27 -13.80 -1.03
CA LEU B 186 20.39 -12.38 -0.67
C LEU B 186 21.56 -12.24 0.30
N ASP B 187 22.60 -11.55 -0.12
CA ASP B 187 23.79 -11.35 0.71
C ASP B 187 23.57 -10.11 1.57
N THR B 188 23.44 -10.30 2.88
CA THR B 188 23.15 -9.17 3.77
C THR B 188 24.37 -8.27 3.97
N GLU B 189 25.54 -8.64 3.45
CA GLU B 189 26.66 -7.70 3.47
C GLU B 189 26.46 -6.54 2.50
N THR B 190 25.81 -6.80 1.37
CA THR B 190 25.61 -5.76 0.37
C THR B 190 24.16 -5.63 -0.09
N PHE B 191 23.25 -6.47 0.41
CA PHE B 191 21.87 -6.56 -0.05
C PHE B 191 21.83 -6.72 -1.57
N THR B 192 22.46 -7.79 -2.03
CA THR B 192 22.62 -8.06 -3.45
C THR B 192 22.10 -9.46 -3.75
N TRP B 193 21.19 -9.56 -4.71
CA TRP B 193 20.67 -10.84 -5.15
C TRP B 193 21.65 -11.54 -6.08
N SER B 194 21.67 -12.86 -5.99
CA SER B 194 22.48 -13.72 -6.85
C SER B 194 21.87 -15.12 -6.82
N GLN B 195 22.27 -15.95 -7.78
CA GLN B 195 21.90 -17.37 -7.71
C GLN B 195 23.13 -18.26 -7.74
N PRO B 196 23.18 -19.31 -6.91
CA PRO B 196 24.34 -20.21 -6.93
C PRO B 196 24.24 -21.26 -8.03
N ILE B 197 25.41 -21.65 -8.54
CA ILE B 197 25.49 -22.78 -9.45
C ILE B 197 25.44 -24.06 -8.60
N THR B 198 24.30 -24.77 -8.66
CA THR B 198 24.12 -25.98 -7.89
C THR B 198 24.37 -27.22 -8.73
N THR B 199 24.75 -28.29 -8.04
CA THR B 199 24.84 -29.61 -8.64
C THR B 199 23.87 -30.56 -7.92
N GLY B 200 23.73 -31.75 -8.49
CA GLY B 200 22.73 -32.70 -8.03
C GLY B 200 21.39 -32.43 -8.66
N LYS B 201 20.45 -33.34 -8.43
CA LYS B 201 19.08 -33.12 -8.88
C LYS B 201 18.36 -32.30 -7.82
N ALA B 202 17.90 -31.11 -8.19
CA ALA B 202 17.13 -30.30 -7.28
C ALA B 202 15.76 -30.94 -7.07
N PRO B 203 15.05 -30.58 -6.00
CA PRO B 203 13.67 -31.03 -5.89
C PRO B 203 12.86 -30.39 -7.01
N SER B 204 11.68 -30.96 -7.26
CA SER B 204 10.80 -30.39 -8.25
C SER B 204 10.35 -29.00 -7.82
N PRO B 205 9.90 -28.17 -8.78
CA PRO B 205 9.25 -26.92 -8.39
C PRO B 205 8.12 -27.20 -7.40
N ARG B 206 7.98 -26.36 -6.39
CA ARG B 206 6.95 -26.56 -5.39
C ARG B 206 6.63 -25.24 -4.69
N ALA B 207 5.48 -25.23 -4.04
CA ALA B 207 5.13 -24.19 -3.08
C ALA B 207 4.52 -24.84 -1.85
N ALA B 208 4.45 -24.06 -0.77
CA ALA B 208 3.90 -24.52 0.50
C ALA B 208 4.67 -25.73 1.03
N HIS B 209 5.93 -25.84 0.62
CA HIS B 209 6.92 -26.72 1.25
C HIS B 209 7.37 -26.11 2.59
N ALA B 210 8.14 -26.88 3.35
CA ALA B 210 8.75 -26.36 4.56
C ALA B 210 10.27 -26.50 4.49
N CYS B 211 10.97 -25.44 4.88
CA CYS B 211 12.43 -25.42 4.90
C CYS B 211 12.93 -25.35 6.33
N ALA B 212 14.06 -26.03 6.60
CA ALA B 212 14.70 -25.94 7.90
C ALA B 212 16.21 -26.03 7.74
N THR B 213 16.95 -25.29 8.55
CA THR B 213 18.41 -25.20 8.40
C THR B 213 19.08 -25.77 9.64
N VAL B 214 20.06 -26.66 9.44
CA VAL B 214 20.90 -27.15 10.53
C VAL B 214 22.34 -27.16 10.05
N GLY B 215 23.19 -26.36 10.69
CA GLY B 215 24.56 -26.19 10.22
C GLY B 215 24.53 -25.68 8.79
N ASN B 216 25.27 -26.36 7.92
CA ASN B 216 25.33 -26.02 6.50
C ASN B 216 24.39 -26.88 5.64
N ARG B 217 23.32 -27.41 6.23
CA ARG B 217 22.35 -28.19 5.48
C ARG B 217 21.02 -27.46 5.52
N GLY B 218 20.54 -27.08 4.34
CA GLY B 218 19.20 -26.52 4.22
C GLY B 218 18.21 -27.58 3.77
N PHE B 219 17.42 -28.11 4.71
CA PHE B 219 16.46 -29.17 4.40
C PHE B 219 15.19 -28.57 3.81
N VAL B 220 14.54 -29.35 2.94
CA VAL B 220 13.23 -28.98 2.41
C VAL B 220 12.39 -30.26 2.34
N PHE B 221 11.15 -30.19 2.83
CA PHE B 221 10.26 -31.36 2.89
C PHE B 221 8.89 -31.04 2.30
N GLY B 222 8.40 -31.92 1.45
CA GLY B 222 7.00 -31.80 1.06
C GLY B 222 6.73 -30.62 0.13
N GLY B 223 5.47 -30.23 0.10
CA GLY B 223 5.01 -29.13 -0.72
C GLY B 223 4.08 -29.59 -1.84
N ARG B 224 3.56 -28.60 -2.55
CA ARG B 224 2.56 -28.80 -3.59
C ARG B 224 3.23 -28.66 -4.95
N TYR B 225 3.01 -29.64 -5.82
CA TYR B 225 3.50 -29.56 -7.20
C TYR B 225 2.51 -30.30 -8.10
N ARG B 226 1.89 -29.58 -9.04
CA ARG B 226 0.90 -30.14 -9.98
C ARG B 226 -0.25 -30.75 -9.18
N ASP B 227 -0.59 -32.02 -9.35
CA ASP B 227 -1.71 -32.65 -8.63
C ASP B 227 -1.27 -33.38 -7.37
N ALA B 228 -0.11 -33.05 -6.80
CA ALA B 228 0.39 -33.81 -5.67
C ALA B 228 0.83 -32.88 -4.55
N ARG B 229 0.59 -33.32 -3.32
CA ARG B 229 1.28 -32.82 -2.14
C ARG B 229 2.24 -33.90 -1.71
N MET B 230 3.53 -33.60 -1.72
CA MET B 230 4.57 -34.61 -1.82
C MET B 230 5.19 -34.93 -0.47
N ASN B 231 5.86 -36.09 -0.41
CA ASN B 231 6.43 -36.62 0.82
C ASN B 231 7.95 -36.67 0.79
N ASP B 232 8.59 -36.02 -0.18
CA ASP B 232 10.01 -36.21 -0.37
C ASP B 232 10.82 -35.22 0.47
N LEU B 233 12.06 -35.63 0.75
CA LEU B 233 12.96 -34.90 1.64
C LEU B 233 14.28 -34.69 0.93
N HIS B 234 14.75 -33.43 0.91
CA HIS B 234 16.02 -33.10 0.32
C HIS B 234 16.76 -32.13 1.22
N TYR B 235 18.07 -32.02 1.01
CA TYR B 235 18.78 -30.89 1.56
C TYR B 235 19.82 -30.40 0.56
N LEU B 236 20.03 -29.09 0.56
CA LEU B 236 21.08 -28.44 -0.18
C LEU B 236 22.24 -28.14 0.77
N ASN B 237 23.46 -28.48 0.36
CA ASN B 237 24.64 -28.13 1.14
C ASN B 237 24.96 -26.66 0.87
N LEU B 238 24.94 -25.86 1.93
CA LEU B 238 25.02 -24.43 1.74
C LEU B 238 26.45 -23.92 1.65
N ASP B 239 27.44 -24.82 1.74
CA ASP B 239 28.85 -24.60 1.40
C ASP B 239 29.15 -24.98 -0.04
N THR B 240 28.84 -26.22 -0.41
CA THR B 240 29.19 -26.80 -1.69
C THR B 240 28.15 -26.58 -2.77
N TRP B 241 26.92 -26.22 -2.39
CA TRP B 241 25.82 -26.03 -3.33
C TRP B 241 25.46 -27.33 -4.07
N GLU B 242 25.51 -28.45 -3.37
CA GLU B 242 25.16 -29.75 -3.89
C GLU B 242 23.82 -30.20 -3.31
N TRP B 243 22.89 -30.60 -4.19
CA TRP B 243 21.59 -31.12 -3.78
C TRP B 243 21.68 -32.61 -3.49
N ASN B 244 21.04 -33.04 -2.39
CA ASN B 244 20.97 -34.44 -2.02
C ASN B 244 19.52 -34.81 -1.71
N GLU B 245 19.07 -35.96 -2.22
CA GLU B 245 17.78 -36.50 -1.81
C GLU B 245 17.97 -37.50 -0.68
N LEU B 246 17.15 -37.37 0.36
CA LEU B 246 17.18 -38.28 1.49
C LEU B 246 16.05 -39.30 1.35
N ILE B 247 16.40 -40.57 1.50
CA ILE B 247 15.48 -41.69 1.39
C ILE B 247 15.50 -42.42 2.72
N PRO B 248 14.70 -41.99 3.69
CA PRO B 248 14.72 -42.65 5.00
C PRO B 248 14.16 -44.07 4.92
N GLN B 249 14.73 -44.96 5.72
CA GLN B 249 14.20 -46.30 5.82
C GLN B 249 13.01 -46.32 6.76
N GLY B 250 12.04 -47.15 6.43
CA GLY B 250 10.89 -47.35 7.29
C GLY B 250 9.76 -46.40 6.94
N ILE B 251 8.85 -46.25 7.90
CA ILE B 251 7.66 -45.46 7.65
C ILE B 251 8.02 -43.98 7.56
N CYS B 252 7.32 -43.27 6.69
CA CYS B 252 7.51 -41.84 6.46
C CYS B 252 6.19 -41.12 6.58
N PRO B 253 6.21 -39.83 6.94
CA PRO B 253 4.96 -39.06 6.98
C PRO B 253 4.27 -38.98 5.62
N VAL B 254 2.94 -38.89 5.65
CA VAL B 254 2.18 -38.79 4.42
C VAL B 254 2.52 -37.46 3.75
N GLY B 255 2.51 -37.46 2.42
CA GLY B 255 2.88 -36.24 1.70
C GLY B 255 1.92 -35.10 2.03
N ARG B 256 2.43 -33.87 1.96
CA ARG B 256 1.65 -32.75 2.49
C ARG B 256 2.23 -31.43 2.03
N SER B 257 1.37 -30.40 2.02
CA SER B 257 1.79 -29.00 1.96
C SER B 257 1.26 -28.25 3.19
N TRP B 258 1.70 -27.01 3.34
CA TRP B 258 1.23 -26.10 4.40
C TRP B 258 1.52 -26.61 5.82
N HIS B 259 2.52 -27.48 5.94
CA HIS B 259 3.03 -28.01 7.19
C HIS B 259 4.16 -27.11 7.70
N SER B 260 4.59 -27.36 8.94
CA SER B 260 5.73 -26.62 9.48
C SER B 260 6.87 -27.61 9.73
N LEU B 261 8.11 -27.14 9.56
CA LEU B 261 9.30 -27.97 9.77
C LEU B 261 10.34 -27.14 10.50
N THR B 262 10.71 -27.56 11.70
CA THR B 262 11.43 -26.69 12.63
C THR B 262 12.61 -27.43 13.25
N PRO B 263 13.85 -26.95 13.12
CA PRO B 263 14.95 -27.62 13.84
C PRO B 263 14.78 -27.45 15.34
N VAL B 264 15.01 -28.54 16.08
CA VAL B 264 14.83 -28.56 17.52
C VAL B 264 16.06 -29.06 18.24
N SER B 265 17.14 -29.34 17.51
CA SER B 265 18.46 -29.71 18.02
C SER B 265 19.39 -29.71 16.82
N SER B 266 20.65 -30.05 17.07
CA SER B 266 21.60 -30.23 15.98
C SER B 266 21.32 -31.48 15.18
N ASP B 267 20.36 -32.29 15.60
CA ASP B 267 20.16 -33.57 14.94
C ASP B 267 18.70 -33.91 14.73
N HIS B 268 17.77 -32.96 14.94
CA HIS B 268 16.34 -33.26 14.84
C HIS B 268 15.53 -32.12 14.24
N LEU B 269 14.61 -32.47 13.35
CA LEU B 269 13.66 -31.53 12.77
C LEU B 269 12.27 -31.91 13.25
N PHE B 270 11.45 -30.93 13.57
CA PHE B 270 10.10 -31.19 14.07
C PHE B 270 9.09 -30.80 13.00
N LEU B 271 8.24 -31.76 12.65
CA LEU B 271 7.26 -31.64 11.57
C LEU B 271 5.86 -31.64 12.17
N PHE B 272 5.02 -30.70 11.75
CA PHE B 272 3.65 -30.68 12.26
C PHE B 272 2.64 -30.21 11.23
N GLY B 273 1.54 -30.95 11.13
CA GLY B 273 0.35 -30.49 10.45
C GLY B 273 0.45 -30.56 8.94
N GLY B 274 -0.38 -29.73 8.31
CA GLY B 274 -0.40 -29.65 6.87
C GLY B 274 -1.64 -30.25 6.26
N PHE B 275 -1.52 -30.57 4.98
CA PHE B 275 -2.67 -30.78 4.11
C PHE B 275 -2.28 -31.81 3.07
N THR B 276 -3.06 -32.88 2.96
CA THR B 276 -2.67 -33.99 2.10
C THR B 276 -3.16 -33.78 0.66
N THR B 277 -2.66 -34.64 -0.22
CA THR B 277 -3.11 -34.62 -1.62
C THR B 277 -4.62 -34.71 -1.72
N ASP B 278 -5.21 -35.58 -0.91
CA ASP B 278 -6.65 -35.82 -0.82
C ASP B 278 -7.36 -34.84 0.09
N LYS B 279 -6.76 -33.67 0.30
CA LYS B 279 -7.41 -32.57 1.01
C LYS B 279 -7.81 -32.94 2.43
N GLN B 280 -6.95 -33.72 3.11
CA GLN B 280 -7.16 -34.04 4.52
C GLN B 280 -6.32 -33.11 5.38
N PRO B 281 -6.93 -32.33 6.28
CA PRO B 281 -6.15 -31.57 7.27
C PRO B 281 -5.43 -32.50 8.24
N LEU B 282 -4.18 -32.15 8.58
CA LEU B 282 -3.29 -33.01 9.37
C LEU B 282 -3.03 -32.47 10.77
N SER B 283 -3.03 -33.38 11.74
CA SER B 283 -2.65 -33.09 13.12
C SER B 283 -1.56 -34.03 13.62
N ASP B 284 -0.91 -34.78 12.75
CA ASP B 284 0.21 -35.62 13.16
C ASP B 284 1.49 -34.78 13.32
N ALA B 285 2.37 -35.26 14.19
CA ALA B 285 3.64 -34.60 14.46
C ALA B 285 4.74 -35.64 14.42
N TRP B 286 5.91 -35.26 13.90
CA TRP B 286 7.04 -36.17 13.80
C TRP B 286 8.35 -35.44 14.11
N THR B 287 9.37 -36.23 14.43
CA THR B 287 10.75 -35.76 14.33
C THR B 287 11.46 -36.54 13.23
N TYR B 288 12.25 -35.82 12.42
CA TYR B 288 13.21 -36.44 11.54
C TYR B 288 14.57 -36.45 12.24
N CYS B 289 15.14 -37.63 12.41
CA CYS B 289 16.42 -37.78 13.07
C CYS B 289 17.49 -37.75 11.97
N ILE B 290 18.30 -36.69 11.97
CA ILE B 290 19.23 -36.50 10.86
C ILE B 290 20.29 -37.59 10.87
N SER B 291 20.81 -37.92 12.04
CA SER B 291 21.92 -38.87 12.12
C SER B 291 21.45 -40.30 11.82
N LYS B 292 20.19 -40.61 12.12
CA LYS B 292 19.67 -41.93 11.82
C LYS B 292 18.94 -42.00 10.49
N ASN B 293 18.68 -40.86 9.85
CA ASN B 293 17.93 -40.83 8.60
C ASN B 293 16.60 -41.56 8.77
N GLU B 294 15.89 -41.22 9.85
CA GLU B 294 14.69 -41.91 10.29
C GLU B 294 13.67 -40.92 10.83
N TRP B 295 12.42 -41.11 10.44
CA TRP B 295 11.28 -40.38 11.00
C TRP B 295 10.72 -41.10 12.21
N ILE B 296 10.37 -40.33 13.24
CA ILE B 296 9.84 -40.86 14.50
C ILE B 296 8.55 -40.11 14.81
N GLN B 297 7.44 -40.85 14.88
CA GLN B 297 6.16 -40.19 15.12
C GLN B 297 6.09 -39.69 16.56
N PHE B 298 5.55 -38.49 16.73
CA PHE B 298 5.57 -37.78 18.00
C PHE B 298 4.16 -37.74 18.56
N ASN B 299 3.99 -38.28 19.77
CA ASN B 299 2.67 -38.35 20.40
C ASN B 299 2.44 -37.08 21.19
N HIS B 300 1.26 -36.50 21.03
CA HIS B 300 0.98 -35.18 21.56
C HIS B 300 -0.51 -35.11 21.84
N PRO B 301 -0.96 -34.14 22.65
CA PRO B 301 -2.38 -34.04 22.98
C PRO B 301 -3.20 -33.17 22.05
N TYR B 302 -2.65 -32.74 20.91
CA TYR B 302 -3.37 -31.88 19.97
C TYR B 302 -3.85 -32.65 18.74
N THR B 303 -4.21 -33.92 18.90
CA THR B 303 -4.67 -34.72 17.76
C THR B 303 -5.95 -34.16 17.15
N GLU B 304 -6.79 -33.49 17.95
CA GLU B 304 -8.04 -32.93 17.45
C GLU B 304 -7.89 -31.49 17.00
N LYS B 305 -6.66 -31.04 16.80
CA LYS B 305 -6.36 -29.68 16.37
C LYS B 305 -5.45 -29.72 15.14
N PRO B 306 -5.94 -30.25 14.02
CA PRO B 306 -5.17 -30.12 12.78
C PRO B 306 -4.98 -28.65 12.44
N ARG B 307 -3.86 -28.35 11.77
CA ARG B 307 -3.56 -26.99 11.32
C ARG B 307 -2.86 -27.04 9.97
N LEU B 308 -3.21 -26.10 9.10
CA LEU B 308 -2.50 -25.87 7.85
C LEU B 308 -2.27 -24.38 7.68
N TRP B 309 -1.10 -24.03 7.13
CA TRP B 309 -0.68 -22.64 6.94
C TRP B 309 -0.52 -21.92 8.29
N HIS B 310 -0.25 -22.70 9.33
CA HIS B 310 0.16 -22.18 10.63
C HIS B 310 1.65 -21.84 10.57
N THR B 311 2.17 -21.38 11.70
CA THR B 311 3.60 -21.13 11.84
C THR B 311 4.10 -21.85 13.09
N ALA B 312 5.40 -22.16 13.07
CA ALA B 312 6.06 -22.82 14.18
C ALA B 312 7.38 -22.15 14.48
N CYS B 313 7.67 -21.91 15.76
CA CYS B 313 8.96 -21.40 16.19
C CYS B 313 9.48 -22.22 17.36
N ALA B 314 10.77 -22.55 17.31
CA ALA B 314 11.41 -23.21 18.44
C ALA B 314 11.83 -22.19 19.49
N SER B 315 11.62 -22.53 20.76
CA SER B 315 12.05 -21.72 21.89
C SER B 315 13.37 -22.23 22.44
N ASP B 316 14.02 -21.39 23.26
CA ASP B 316 15.30 -21.74 23.88
C ASP B 316 15.16 -22.76 25.00
N GLU B 317 13.94 -23.07 25.43
CA GLU B 317 13.71 -24.00 26.52
C GLU B 317 12.98 -25.26 26.03
N GLY B 318 13.35 -25.76 24.86
CA GLY B 318 12.88 -27.04 24.37
C GLY B 318 11.40 -27.16 24.07
N GLU B 319 10.81 -26.16 23.41
CA GLU B 319 9.41 -26.25 22.99
C GLU B 319 9.29 -25.80 21.54
N VAL B 320 8.15 -26.15 20.92
CA VAL B 320 7.77 -25.65 19.61
C VAL B 320 6.45 -24.92 19.77
N ILE B 321 6.44 -23.65 19.41
CA ILE B 321 5.27 -22.80 19.55
C ILE B 321 4.59 -22.74 18.19
N VAL B 322 3.39 -23.32 18.09
CA VAL B 322 2.59 -23.27 16.87
C VAL B 322 1.50 -22.22 17.04
N PHE B 323 1.35 -21.34 16.05
CA PHE B 323 0.32 -20.31 16.10
C PHE B 323 -0.46 -20.19 14.80
N GLY B 324 -1.76 -19.95 14.93
CA GLY B 324 -2.58 -19.63 13.79
C GLY B 324 -2.80 -20.83 12.89
N GLY B 325 -3.05 -20.52 11.61
CA GLY B 325 -3.37 -21.56 10.66
C GLY B 325 -4.84 -21.90 10.71
N CYS B 326 -5.24 -22.80 9.83
CA CYS B 326 -6.65 -23.12 9.63
C CYS B 326 -6.88 -24.57 10.03
N ALA B 327 -8.03 -24.84 10.65
CA ALA B 327 -8.32 -26.18 11.12
C ALA B 327 -8.97 -27.08 10.07
N ASN B 328 -9.41 -26.54 8.94
CA ASN B 328 -10.08 -27.36 7.94
C ASN B 328 -9.57 -26.93 6.57
N ASN B 329 -10.28 -27.32 5.51
CA ASN B 329 -9.86 -27.01 4.15
C ASN B 329 -10.08 -25.53 3.92
N LEU B 330 -9.01 -24.74 4.04
CA LEU B 330 -9.13 -23.31 3.88
C LEU B 330 -9.49 -22.89 2.47
N LEU B 331 -9.40 -23.78 1.48
CA LEU B 331 -9.83 -23.45 0.13
C LEU B 331 -11.34 -23.27 0.03
N VAL B 332 -12.10 -23.78 0.99
CA VAL B 332 -13.55 -23.49 1.08
C VAL B 332 -13.66 -22.25 1.96
N HIS B 333 -13.47 -21.09 1.34
CA HIS B 333 -13.12 -19.90 2.11
C HIS B 333 -14.25 -19.49 3.04
N HIS B 334 -15.52 -19.71 2.63
CA HIS B 334 -16.65 -19.29 3.45
C HIS B 334 -16.92 -20.23 4.63
N ARG B 335 -16.26 -21.39 4.68
CA ARG B 335 -16.35 -22.29 5.83
C ARG B 335 -15.04 -22.36 6.61
N ALA B 336 -14.02 -21.60 6.22
CA ALA B 336 -12.69 -21.80 6.79
C ALA B 336 -12.70 -21.55 8.29
N ALA B 337 -11.93 -22.36 9.02
CA ALA B 337 -11.82 -22.23 10.48
C ALA B 337 -10.39 -21.79 10.82
N HIS B 338 -10.16 -20.49 10.70
CA HIS B 338 -8.86 -19.93 11.05
C HIS B 338 -8.74 -19.82 12.56
N SER B 339 -7.51 -19.88 13.05
CA SER B 339 -7.25 -20.04 14.47
C SER B 339 -6.35 -18.92 14.99
N ASN B 340 -6.48 -18.61 16.28
CA ASN B 340 -5.47 -17.86 17.01
C ASN B 340 -4.95 -18.65 18.21
N GLU B 341 -5.13 -19.96 18.19
CA GLU B 341 -4.64 -20.77 19.30
C GLU B 341 -3.12 -20.89 19.23
N ILE B 342 -2.50 -20.86 20.40
CA ILE B 342 -1.11 -21.27 20.56
C ILE B 342 -1.11 -22.74 20.94
N LEU B 343 -0.31 -23.53 20.24
CA LEU B 343 -0.12 -24.95 20.56
C LEU B 343 1.34 -25.14 20.93
N ILE B 344 1.60 -25.77 22.07
CA ILE B 344 2.95 -25.88 22.61
C ILE B 344 3.36 -27.35 22.64
N PHE B 345 4.39 -27.68 21.88
CA PHE B 345 4.97 -29.02 21.84
C PHE B 345 6.26 -29.02 22.66
N SER B 346 6.37 -29.94 23.62
CA SER B 346 7.59 -30.07 24.41
C SER B 346 8.40 -31.21 23.81
N VAL B 347 9.36 -30.87 22.95
CA VAL B 347 10.11 -31.87 22.21
C VAL B 347 11.42 -32.25 22.91
N GLN B 348 11.86 -31.46 23.89
CA GLN B 348 13.00 -31.83 24.72
C GLN B 348 12.54 -32.12 26.14
C10 A1APS C . -19.12 13.54 2.67
C13 A1APS C . -18.32 11.55 -0.77
C15 A1APS C . -17.21 11.10 -2.86
C17 A1APS C . -17.89 9.18 -4.19
C20 A1APS C . -19.81 8.52 -2.30
C21 A1APS C . -18.99 9.65 -2.11
C22 A1APS C . -19.14 10.44 -0.95
C02 A1APS C . -17.42 16.61 1.36
C04 A1APS C . -17.74 17.32 -1.05
C05 A1APS C . -19.20 17.72 -1.27
C08 A1APS C . -17.45 15.47 2.38
C09 A1APS C . -18.12 14.18 1.91
C12 A1APS C . -18.48 12.43 0.46
C14 A1APS C . -17.37 11.89 -1.72
C16 A1APS C . -18.03 9.97 -3.04
C18 A1APS C . -18.69 8.06 -4.38
C19 A1APS C . -19.67 7.73 -3.44
N03 A1APS C . -17.73 16.29 -0.02
N23 A1APS C . -17.81 13.55 0.74
O01 A1APS C . -17.12 17.70 1.71
O06 A1APS C . -19.49 18.61 -2.10
O07 A1APS C . -20.11 17.15 -0.60
S11 A1APS C . -19.54 12.16 1.77
CO NCO D . 13.25 5.33 2.33
N1 NCO D . 11.36 5.89 2.61
N2 NCO D . 15.13 4.74 2.07
N3 NCO D . 12.56 3.59 1.67
N4 NCO D . 13.27 4.65 4.20
N5 NCO D . 13.90 7.11 2.97
N6 NCO D . 13.18 5.99 0.46
C10 A1APS E . -3.08 -22.46 -6.21
C13 A1APS E . -4.85 -20.96 -2.90
C15 A1APS E . -4.99 -20.00 -0.70
C17 A1APS E . -7.12 -19.19 0.16
C20 A1APS E . -8.36 -19.98 -2.23
C21 A1APS E . -6.98 -20.16 -2.06
C22 A1APS E . -6.22 -20.75 -3.08
C02 A1APS E . -0.25 -23.75 -4.18
C04 A1APS E . -0.51 -24.84 -1.94
C05 A1APS E . -1.36 -26.10 -2.02
C08 A1APS E . -0.73 -22.80 -5.27
C09 A1APS E . -2.19 -22.38 -5.13
C12 A1APS E . -4.02 -21.55 -4.01
C14 A1APS E . -4.24 -20.58 -1.71
C16 A1APS E . -6.37 -19.79 -0.88
C18 A1APS E . -8.48 -19.01 0.00
C19 A1APS E . -9.10 -19.39 -1.20
N03 A1APS E . -1.00 -23.90 -2.96
N23 A1APS E . -2.72 -21.88 -3.97
O01 A1APS E . 0.74 -24.37 -4.36
O06 A1APS E . -1.11 -27.07 -1.25
O07 A1APS E . -2.32 -26.18 -2.85
S11 A1APS E . -4.55 -21.87 -5.60
#